data_8GQV
#
_entry.id   8GQV
#
_cell.length_a   48.465
_cell.length_b   98.143
_cell.length_c   166.006
_cell.angle_alpha   90.000
_cell.angle_beta   90.000
_cell.angle_gamma   90.000
#
_symmetry.space_group_name_H-M   'P 21 21 21'
#
loop_
_entity.id
_entity.type
_entity.pdbx_description
1 polymer 'MHC class I antigen'
2 polymer 'beta 2 microglobulin'
3 polymer As64
4 water water
#
loop_
_entity_poly.entity_id
_entity_poly.type
_entity_poly.pdbx_seq_one_letter_code
_entity_poly.pdbx_strand_id
1 'polypeptide(L)'
;GPHSLSYSYTAVSRPDRGDSRFFIVGYVDDTQFVRFDSDAPNAKMEPRAQWIQQEGQEYWDRETQISKETAQNYRVDLNT
LRGYYNQSEAGSRTIQRVYGCYLGPDGLLLRGYRQDAYDGADYIALNEDLRSWTAADMAAQITKRKWEVVNEAEGERSYL
QGRCVEWLQKYLVMGKDTLQRAEPPKTHVTRHPSSDLGVTLRCWALGFYPKEISLSWQREGQDQSQDMELVETRPSGDGT
FQKWAALVVPPGEEQSYTCHVQHEGLQEPLTLRWD
;
A,D
2 'polypeptide(L)'
;VARPPKVQVYSRHPAENGKPNYLNCYVSGFHPPQIEIDLLKNGEKMNAEQSDLSFSKDWSFYLLVHTEFTPNAVDQYSCR
VKHVTLDKPKIVKWDRDH
;
B,E
3 'polypeptide(L)' ALLRSATYY C,F
#
# COMPACT_ATOMS: atom_id res chain seq x y z
N GLY A 1 19.98 -2.03 -26.39
CA GLY A 1 19.20 -0.81 -26.38
C GLY A 1 20.01 0.40 -26.78
N PRO A 2 19.35 1.44 -27.30
CA PRO A 2 20.04 2.67 -27.74
C PRO A 2 20.68 3.41 -26.57
N HIS A 3 21.85 3.99 -26.78
CA HIS A 3 22.56 4.68 -25.72
C HIS A 3 21.95 6.06 -25.45
N SER A 4 22.09 6.51 -24.21
CA SER A 4 21.55 7.80 -23.79
C SER A 4 22.54 8.57 -22.93
N LEU A 5 22.51 9.89 -23.06
CA LEU A 5 23.20 10.78 -22.12
C LEU A 5 22.11 11.57 -21.43
N SER A 6 22.14 11.60 -20.09
CA SER A 6 21.13 12.33 -19.34
C SER A 6 21.72 13.03 -18.13
N TYR A 7 21.03 14.09 -17.69
CA TYR A 7 21.42 14.81 -16.49
C TYR A 7 20.24 14.94 -15.54
N SER A 8 20.48 14.75 -14.25
CA SER A 8 19.44 14.96 -13.26
C SER A 8 19.78 16.13 -12.34
N TYR A 9 18.92 17.15 -12.32
CA TYR A 9 19.08 18.29 -11.43
C TYR A 9 18.17 18.11 -10.21
N THR A 10 18.66 18.48 -9.04
CA THR A 10 17.86 18.49 -7.82
C THR A 10 18.13 19.80 -7.09
N ALA A 11 17.09 20.63 -6.97
CA ALA A 11 17.21 21.89 -6.23
C ALA A 11 16.35 21.80 -4.98
N VAL A 12 16.94 22.05 -3.81
CA VAL A 12 16.18 22.02 -2.56
C VAL A 12 16.37 23.31 -1.77
N SER A 13 15.26 23.94 -1.40
CA SER A 13 15.31 25.20 -0.67
C SER A 13 15.60 24.96 0.81
N ARG A 14 16.25 25.94 1.43
CA ARG A 14 16.48 25.95 2.87
C ARG A 14 16.24 27.35 3.41
N PRO A 15 14.96 27.68 3.67
CA PRO A 15 14.54 29.02 4.10
C PRO A 15 15.05 29.39 5.50
N ASP A 16 15.20 28.37 6.34
CA ASP A 16 15.90 28.51 7.62
C ASP A 16 17.30 29.09 7.41
N ARG A 17 18.13 28.33 6.71
CA ARG A 17 19.51 28.69 6.43
C ARG A 17 19.58 29.79 5.37
N GLY A 18 18.44 30.15 4.80
CA GLY A 18 18.37 31.24 3.83
C GLY A 18 18.87 30.92 2.44
N ASP A 19 19.49 29.75 2.26
CA ASP A 19 20.04 29.41 0.97
C ASP A 19 19.28 28.26 0.30
N SER A 20 19.99 27.55 -0.59
CA SER A 20 19.42 26.40 -1.24
C SER A 20 20.58 25.50 -1.65
N ARG A 21 20.26 24.26 -2.00
CA ARG A 21 21.30 23.32 -2.40
C ARG A 21 21.00 22.78 -3.80
N PHE A 22 22.03 22.66 -4.63
CA PHE A 22 21.84 22.20 -5.99
C PHE A 22 22.73 21.01 -6.32
N PHE A 23 22.11 19.91 -6.79
CA PHE A 23 22.82 18.69 -7.17
C PHE A 23 22.70 18.44 -8.66
N ILE A 24 23.77 17.93 -9.27
CA ILE A 24 23.70 17.40 -10.62
C ILE A 24 24.36 16.03 -10.65
N VAL A 25 23.74 15.09 -11.36
CA VAL A 25 24.42 13.85 -11.72
C VAL A 25 24.28 13.64 -13.21
N GLY A 26 25.38 13.24 -13.85
CA GLY A 26 25.36 12.94 -15.26
C GLY A 26 25.47 11.44 -15.46
N TYR A 27 24.67 10.91 -16.38
CA TYR A 27 24.67 9.50 -16.67
C TYR A 27 24.86 9.23 -18.17
N VAL A 28 25.66 8.23 -18.49
CA VAL A 28 25.57 7.60 -19.81
C VAL A 28 24.98 6.21 -19.58
N ASP A 29 23.78 6.00 -20.11
CA ASP A 29 22.99 4.80 -19.78
C ASP A 29 22.82 4.67 -18.26
N ASP A 30 23.21 3.51 -17.72
CA ASP A 30 23.09 3.24 -16.29
C ASP A 30 24.32 3.66 -15.49
N THR A 31 25.25 4.35 -16.15
CA THR A 31 26.54 4.65 -15.54
C THR A 31 26.74 6.13 -15.21
N GLN A 32 26.88 6.43 -13.91
CA GLN A 32 27.16 7.78 -13.48
C GLN A 32 28.59 8.14 -13.84
N PHE A 33 28.82 9.38 -14.28
CA PHE A 33 30.17 9.78 -14.67
C PHE A 33 30.60 11.16 -14.20
N VAL A 34 29.64 12.03 -13.88
CA VAL A 34 29.97 13.32 -13.24
C VAL A 34 28.97 13.64 -12.15
N ARG A 35 29.32 14.66 -11.36
CA ARG A 35 28.48 15.12 -10.27
C ARG A 35 28.83 16.55 -9.88
N PHE A 36 27.84 17.25 -9.34
CA PHE A 36 28.05 18.58 -8.79
C PHE A 36 27.17 18.70 -7.56
N ASP A 37 27.71 19.33 -6.53
CA ASP A 37 26.98 19.57 -5.30
C ASP A 37 27.40 20.96 -4.80
N SER A 38 26.47 21.91 -4.84
CA SER A 38 26.77 23.30 -4.47
C SER A 38 27.15 23.45 -3.00
N ASP A 39 26.84 22.44 -2.18
CA ASP A 39 27.21 22.44 -0.78
C ASP A 39 28.62 21.91 -0.52
N ALA A 40 29.31 21.49 -1.58
CA ALA A 40 30.66 20.98 -1.45
C ALA A 40 31.66 22.12 -1.29
N PRO A 41 32.74 21.88 -0.52
CA PRO A 41 33.85 22.83 -0.39
C PRO A 41 34.43 23.22 -1.74
N ASN A 42 34.32 24.50 -2.09
CA ASN A 42 34.60 25.01 -3.44
C ASN A 42 34.08 24.06 -4.51
N ALA A 43 32.76 23.93 -4.55
CA ALA A 43 32.06 22.98 -5.41
C ALA A 43 32.42 23.10 -6.89
N LYS A 44 32.69 21.96 -7.52
CA LYS A 44 32.85 21.92 -8.96
C LYS A 44 32.35 20.61 -9.56
N MET A 45 32.15 20.61 -10.86
CA MET A 45 31.83 19.37 -11.56
C MET A 45 33.02 18.43 -11.41
N GLU A 46 32.78 17.20 -10.95
CA GLU A 46 33.85 16.24 -10.70
C GLU A 46 33.61 14.91 -11.43
N PRO A 47 34.69 14.22 -11.85
CA PRO A 47 34.52 12.93 -12.53
C PRO A 47 34.11 11.84 -11.55
N ARG A 48 33.32 10.88 -12.02
CA ARG A 48 32.82 9.81 -11.17
C ARG A 48 32.89 8.47 -11.91
N ALA A 49 33.47 8.52 -13.11
CA ALA A 49 33.84 7.33 -13.85
C ALA A 49 35.29 7.52 -14.24
N GLN A 50 36.02 6.42 -14.34
CA GLN A 50 37.45 6.47 -14.62
C GLN A 50 37.72 7.07 -16.00
N TRP A 51 36.85 6.75 -16.95
CA TRP A 51 37.06 7.11 -18.35
C TRP A 51 36.78 8.57 -18.72
N ILE A 52 36.17 9.33 -17.81
CA ILE A 52 35.93 10.74 -18.09
C ILE A 52 37.10 11.57 -17.54
N GLN A 53 37.91 10.94 -16.69
CA GLN A 53 39.02 11.63 -16.01
C GLN A 53 40.04 12.26 -16.95
N GLN A 54 40.15 11.74 -18.17
CA GLN A 54 41.14 12.20 -19.14
C GLN A 54 40.82 13.59 -19.70
N GLU A 55 39.64 14.11 -19.39
CA GLU A 55 39.24 15.44 -19.86
C GLU A 55 40.13 16.56 -19.33
N GLY A 56 40.33 17.59 -20.15
CA GLY A 56 41.17 18.72 -19.78
C GLY A 56 40.45 19.73 -18.91
N GLN A 57 41.21 20.60 -18.25
CA GLN A 57 40.66 21.55 -17.29
C GLN A 57 39.64 22.45 -17.97
N GLU A 58 39.79 22.62 -19.28
CA GLU A 58 38.86 23.38 -20.10
C GLU A 58 37.44 22.82 -19.98
N TYR A 59 37.33 21.50 -20.08
CA TYR A 59 36.05 20.81 -19.93
C TYR A 59 35.50 21.03 -18.53
N TRP A 60 36.34 20.84 -17.52
CA TRP A 60 35.90 20.96 -16.14
C TRP A 60 35.51 22.39 -15.76
N ASP A 61 36.30 23.37 -16.19
CA ASP A 61 35.96 24.77 -15.95
C ASP A 61 34.61 25.15 -16.54
N ARG A 62 34.32 24.65 -17.74
CA ARG A 62 33.07 24.96 -18.41
C ARG A 62 31.88 24.37 -17.66
N GLU A 63 31.92 23.06 -17.45
CA GLU A 63 30.84 22.37 -16.73
C GLU A 63 30.62 22.96 -15.35
N THR A 64 31.72 23.23 -14.64
CA THR A 64 31.65 23.90 -13.34
C THR A 64 30.94 25.25 -13.44
N GLN A 65 31.32 26.05 -14.44
CA GLN A 65 30.70 27.35 -14.64
C GLN A 65 29.19 27.23 -14.88
N ILE A 66 28.80 26.29 -15.74
CA ILE A 66 27.39 26.08 -16.07
C ILE A 66 26.62 25.58 -14.85
N SER A 67 27.24 24.71 -14.07
CA SER A 67 26.62 24.20 -12.84
C SER A 67 26.27 25.32 -11.86
N LYS A 68 27.19 26.26 -11.66
CA LYS A 68 26.98 27.33 -10.67
C LYS A 68 26.00 28.40 -11.14
N GLU A 69 26.01 28.68 -12.44
CA GLU A 69 25.00 29.57 -13.03
C GLU A 69 23.62 28.96 -12.85
N THR A 70 23.50 27.67 -13.16
CA THR A 70 22.25 26.95 -13.04
C THR A 70 21.77 26.85 -11.59
N ALA A 71 22.71 26.61 -10.68
CA ALA A 71 22.39 26.56 -9.25
C ALA A 71 21.85 27.91 -8.80
N GLN A 72 22.45 28.98 -9.32
CA GLN A 72 22.05 30.34 -8.98
C GLN A 72 20.61 30.59 -9.42
N ASN A 73 20.30 30.24 -10.67
CA ASN A 73 18.96 30.43 -11.19
C ASN A 73 17.93 29.66 -10.38
N TYR A 74 18.28 28.44 -9.98
CA TYR A 74 17.36 27.63 -9.19
C TYR A 74 17.05 28.21 -7.81
N ARG A 75 17.98 28.98 -7.24
CA ARG A 75 17.72 29.61 -5.95
C ARG A 75 16.51 30.56 -6.03
N VAL A 76 16.33 31.22 -7.17
CA VAL A 76 15.14 32.07 -7.36
C VAL A 76 13.95 31.28 -7.91
N ASP A 77 14.21 30.29 -8.76
CA ASP A 77 13.15 29.42 -9.27
C ASP A 77 12.41 28.70 -8.12
N LEU A 78 13.18 28.25 -7.12
CA LEU A 78 12.57 27.67 -5.92
C LEU A 78 11.57 28.66 -5.30
N ASN A 79 12.00 29.91 -5.16
CA ASN A 79 11.16 30.97 -4.60
C ASN A 79 9.99 31.38 -5.49
N THR A 80 10.20 31.32 -6.81
CA THR A 80 9.14 31.57 -7.77
C THR A 80 7.99 30.54 -7.69
N LEU A 81 8.34 29.24 -7.73
CA LEU A 81 7.32 28.20 -7.67
C LEU A 81 6.58 28.24 -6.34
N ARG A 82 7.28 28.64 -5.28
CA ARG A 82 6.65 28.85 -3.99
C ARG A 82 5.56 29.93 -4.08
N GLY A 83 5.83 30.97 -4.87
CA GLY A 83 4.87 32.04 -5.09
C GLY A 83 3.69 31.62 -5.96
N TYR A 84 3.97 30.81 -6.97
CA TYR A 84 2.91 30.28 -7.83
C TYR A 84 1.89 29.48 -7.03
N TYR A 85 2.35 28.76 -6.02
CA TYR A 85 1.47 27.88 -5.24
C TYR A 85 1.01 28.50 -3.93
N ASN A 86 1.28 29.79 -3.76
CA ASN A 86 0.87 30.51 -2.57
C ASN A 86 1.34 29.80 -1.30
N GLN A 87 2.49 29.14 -1.38
CA GLN A 87 3.00 28.38 -0.24
C GLN A 87 3.72 29.27 0.74
N SER A 88 3.74 28.85 2.00
CA SER A 88 4.45 29.56 3.04
C SER A 88 5.95 29.50 2.76
N GLU A 89 6.73 30.22 3.56
CA GLU A 89 8.17 30.28 3.37
C GLU A 89 8.91 29.46 4.40
N ALA A 90 8.16 28.70 5.21
CA ALA A 90 8.76 27.99 6.32
C ALA A 90 9.49 26.72 5.93
N GLY A 91 8.86 25.89 5.09
CA GLY A 91 9.39 24.58 4.81
C GLY A 91 10.29 24.44 3.60
N SER A 92 11.20 23.46 3.68
CA SER A 92 12.04 23.08 2.55
C SER A 92 11.26 22.46 1.40
N ARG A 93 11.52 22.92 0.17
CA ARG A 93 10.81 22.45 -1.01
C ARG A 93 11.82 21.97 -2.06
N THR A 94 11.33 21.28 -3.09
CA THR A 94 12.24 20.66 -4.05
C THR A 94 11.76 20.73 -5.51
N ILE A 95 12.68 21.14 -6.40
CA ILE A 95 12.44 21.06 -7.85
C ILE A 95 13.40 20.03 -8.42
N GLN A 96 12.90 19.18 -9.32
CA GLN A 96 13.75 18.19 -9.97
C GLN A 96 13.62 18.32 -11.47
N ARG A 97 14.67 17.91 -12.17
CA ARG A 97 14.70 18.04 -13.63
C ARG A 97 15.56 16.95 -14.24
N VAL A 98 15.00 16.24 -15.22
CA VAL A 98 15.77 15.31 -16.05
C VAL A 98 15.68 15.76 -17.50
N TYR A 99 16.80 15.68 -18.21
CA TYR A 99 16.80 15.87 -19.65
C TYR A 99 17.86 14.98 -20.27
N GLY A 100 17.66 14.60 -21.54
CA GLY A 100 18.60 13.70 -22.18
C GLY A 100 18.35 13.40 -23.65
N CYS A 101 19.29 12.69 -24.25
CA CYS A 101 19.19 12.33 -25.66
C CYS A 101 19.46 10.85 -25.86
N TYR A 102 18.63 10.20 -26.67
CA TYR A 102 18.92 8.84 -27.10
C TYR A 102 19.61 8.88 -28.46
N LEU A 103 20.67 8.08 -28.60
CA LEU A 103 21.45 8.05 -29.83
C LEU A 103 20.84 7.09 -30.85
N GLY A 104 20.57 7.58 -32.06
CA GLY A 104 20.04 6.76 -33.12
C GLY A 104 21.12 6.02 -33.89
N PRO A 105 20.71 5.06 -34.74
CA PRO A 105 21.64 4.26 -35.55
C PRO A 105 22.42 5.11 -36.54
N ASP A 106 21.80 6.20 -37.00
CA ASP A 106 22.41 7.09 -37.98
C ASP A 106 23.35 8.12 -37.34
N GLY A 107 23.61 7.97 -36.05
CA GLY A 107 24.46 8.91 -35.35
C GLY A 107 23.78 10.25 -35.08
N LEU A 108 22.46 10.27 -35.28
CA LEU A 108 21.67 11.46 -34.99
C LEU A 108 20.70 11.22 -33.84
N LEU A 109 19.98 12.26 -33.43
CA LEU A 109 19.02 12.14 -32.33
C LEU A 109 17.94 11.11 -32.62
N LEU A 110 17.79 10.14 -31.71
CA LEU A 110 16.68 9.19 -31.79
C LEU A 110 15.49 9.82 -31.05
N ARG A 111 15.73 10.21 -29.80
CA ARG A 111 14.71 10.91 -29.01
C ARG A 111 15.35 11.77 -27.93
N GLY A 112 14.87 13.01 -27.83
CA GLY A 112 15.29 13.92 -26.79
C GLY A 112 14.13 14.15 -25.84
N TYR A 113 14.45 14.41 -24.58
CA TYR A 113 13.40 14.57 -23.58
C TYR A 113 13.80 15.55 -22.50
N ARG A 114 12.79 16.06 -21.80
CA ARG A 114 13.00 16.83 -20.60
C ARG A 114 11.72 16.90 -19.78
N GLN A 115 11.83 16.57 -18.50
CA GLN A 115 10.70 16.64 -17.57
C GLN A 115 11.15 17.36 -16.31
N ASP A 116 10.25 18.15 -15.74
CA ASP A 116 10.52 18.80 -14.47
C ASP A 116 9.48 18.36 -13.46
N ALA A 117 9.85 18.35 -12.18
CA ALA A 117 8.91 18.04 -11.11
C ALA A 117 9.03 19.06 -9.98
N TYR A 118 7.92 19.31 -9.29
CA TYR A 118 7.93 20.14 -8.09
C TYR A 118 7.39 19.33 -6.93
N ASP A 119 8.17 19.26 -5.85
CA ASP A 119 7.82 18.47 -4.66
C ASP A 119 7.36 17.05 -5.00
N GLY A 120 8.08 16.39 -5.90
CA GLY A 120 7.79 15.00 -6.22
C GLY A 120 6.63 14.79 -7.17
N ALA A 121 6.03 15.88 -7.66
CA ALA A 121 4.92 15.80 -8.59
C ALA A 121 5.28 16.46 -9.91
N ASP A 122 4.86 15.84 -11.01
CA ASP A 122 5.05 16.37 -12.36
C ASP A 122 4.67 17.84 -12.45
N TYR A 123 5.53 18.64 -13.06
CA TYR A 123 5.28 20.08 -13.21
C TYR A 123 5.10 20.42 -14.67
N ILE A 124 6.15 20.19 -15.47
CA ILE A 124 6.12 20.53 -16.88
C ILE A 124 7.08 19.62 -17.66
N ALA A 125 6.75 19.36 -18.93
CA ALA A 125 7.57 18.47 -19.75
C ALA A 125 7.67 18.99 -21.17
N LEU A 126 8.79 18.71 -21.82
CA LEU A 126 8.96 19.02 -23.24
C LEU A 126 8.34 17.91 -24.06
N ASN A 127 7.56 18.27 -25.08
CA ASN A 127 6.94 17.27 -25.94
C ASN A 127 7.93 16.58 -26.90
N GLU A 128 7.52 15.46 -27.48
CA GLU A 128 8.40 14.69 -28.37
C GLU A 128 8.82 15.49 -29.59
N ASP A 129 8.01 16.47 -29.99
CA ASP A 129 8.36 17.31 -31.13
C ASP A 129 9.46 18.33 -30.80
N LEU A 130 9.75 18.49 -29.52
CA LEU A 130 10.81 19.38 -29.03
C LEU A 130 10.54 20.82 -29.44
N ARG A 131 9.26 21.16 -29.57
CA ARG A 131 8.86 22.50 -30.01
C ARG A 131 7.76 23.08 -29.14
N SER A 132 7.22 22.27 -28.25
CA SER A 132 6.12 22.70 -27.39
C SER A 132 6.20 22.02 -26.02
N TRP A 133 5.42 22.53 -25.07
CA TRP A 133 5.45 22.00 -23.70
C TRP A 133 4.08 21.49 -23.27
N THR A 134 4.09 20.61 -22.28
CA THR A 134 2.86 20.21 -21.60
C THR A 134 3.01 20.60 -20.13
N ALA A 135 2.07 21.39 -19.64
CA ALA A 135 2.05 21.81 -18.23
C ALA A 135 1.03 20.98 -17.46
N ALA A 136 1.39 20.57 -16.25
CA ALA A 136 0.49 19.73 -15.46
C ALA A 136 -0.56 20.52 -14.67
N ASP A 137 -0.36 21.83 -14.51
CA ASP A 137 -1.34 22.65 -13.78
C ASP A 137 -1.27 24.16 -14.10
N MET A 138 -1.98 24.94 -13.28
CA MET A 138 -1.99 26.41 -13.40
C MET A 138 -0.60 27.00 -13.32
N ALA A 139 0.13 26.64 -12.27
CA ALA A 139 1.42 27.21 -11.99
C ALA A 139 2.39 26.93 -13.13
N ALA A 140 2.30 25.73 -13.66
CA ALA A 140 3.19 25.32 -14.75
C ALA A 140 2.86 26.04 -16.04
N GLN A 141 1.58 26.41 -16.22
CA GLN A 141 1.16 27.19 -17.39
C GLN A 141 1.82 28.56 -17.43
N ILE A 142 2.00 29.17 -16.26
CA ILE A 142 2.76 30.41 -16.17
C ILE A 142 4.18 30.19 -16.68
N THR A 143 4.85 29.17 -16.14
CA THR A 143 6.20 28.81 -16.57
C THR A 143 6.23 28.51 -18.06
N LYS A 144 5.25 27.74 -18.51
CA LYS A 144 5.14 27.37 -19.91
C LYS A 144 5.02 28.60 -20.81
N ARG A 145 4.19 29.55 -20.40
CA ARG A 145 3.99 30.76 -21.21
C ARG A 145 5.26 31.59 -21.33
N LYS A 146 6.06 31.64 -20.25
CA LYS A 146 7.35 32.33 -20.29
C LYS A 146 8.31 31.68 -21.27
N TRP A 147 8.36 30.34 -21.22
CA TRP A 147 9.27 29.57 -22.05
C TRP A 147 8.87 29.62 -23.52
N GLU A 148 7.58 29.85 -23.76
CA GLU A 148 7.08 30.05 -25.11
C GLU A 148 7.53 31.42 -25.61
N VAL A 149 7.34 32.43 -24.76
CA VAL A 149 7.66 33.81 -25.11
C VAL A 149 9.13 34.00 -25.54
N VAL A 150 10.06 33.36 -24.83
CA VAL A 150 11.47 33.50 -25.13
C VAL A 150 12.03 32.29 -25.88
N ASN A 151 11.12 31.46 -26.40
CA ASN A 151 11.46 30.28 -27.20
C ASN A 151 12.53 29.39 -26.57
N GLU A 152 12.21 28.87 -25.38
CA GLU A 152 13.13 28.00 -24.66
C GLU A 152 13.33 26.66 -25.38
N ALA A 153 12.28 26.18 -26.04
CA ALA A 153 12.30 24.88 -26.71
C ALA A 153 13.37 24.77 -27.79
N GLU A 154 13.64 25.88 -28.47
CA GLU A 154 14.64 25.90 -29.54
C GLU A 154 16.05 25.74 -28.99
N GLY A 155 16.32 26.32 -27.81
CA GLY A 155 17.58 26.09 -27.13
C GLY A 155 17.72 24.61 -26.76
N GLU A 156 16.66 24.04 -26.21
CA GLU A 156 16.63 22.62 -25.89
C GLU A 156 16.83 21.74 -27.13
N ARG A 157 16.06 22.01 -28.18
CA ARG A 157 16.10 21.21 -29.40
C ARG A 157 17.46 21.26 -30.08
N SER A 158 18.03 22.45 -30.13
CA SER A 158 19.37 22.63 -30.70
C SER A 158 20.42 21.84 -29.92
N TYR A 159 20.30 21.85 -28.59
CA TYR A 159 21.20 21.07 -27.72
C TYR A 159 21.06 19.58 -27.96
N LEU A 160 19.82 19.10 -27.93
CA LEU A 160 19.52 17.67 -28.03
C LEU A 160 19.88 17.05 -29.39
N GLN A 161 19.65 17.82 -30.46
CA GLN A 161 19.94 17.36 -31.81
C GLN A 161 21.42 17.52 -32.16
N GLY A 162 22.11 18.38 -31.42
CA GLY A 162 23.50 18.65 -31.73
C GLY A 162 24.45 18.19 -30.64
N ARG A 163 24.76 19.12 -29.73
CA ARG A 163 25.76 18.91 -28.68
C ARG A 163 25.54 17.63 -27.85
N CYS A 164 24.29 17.36 -27.46
CA CYS A 164 24.00 16.23 -26.59
C CYS A 164 24.42 14.89 -27.21
N VAL A 165 24.02 14.66 -28.46
CA VAL A 165 24.35 13.41 -29.12
C VAL A 165 25.85 13.29 -29.42
N GLU A 166 26.48 14.41 -29.79
CA GLU A 166 27.89 14.44 -30.15
C GLU A 166 28.80 14.11 -28.97
N TRP A 167 28.51 14.67 -27.80
CA TRP A 167 29.25 14.36 -26.59
C TRP A 167 29.00 12.93 -26.12
N LEU A 168 27.75 12.47 -26.27
CA LEU A 168 27.40 11.07 -26.00
C LEU A 168 28.28 10.11 -26.79
N GLN A 169 28.39 10.35 -28.10
CA GLN A 169 29.27 9.56 -28.97
C GLN A 169 30.70 9.55 -28.45
N LYS A 170 31.21 10.73 -28.09
CA LYS A 170 32.54 10.82 -27.49
C LYS A 170 32.66 10.02 -26.19
N TYR A 171 31.63 10.07 -25.35
CA TYR A 171 31.65 9.34 -24.08
C TYR A 171 31.61 7.84 -24.35
N LEU A 172 30.90 7.46 -25.40
CA LEU A 172 30.78 6.04 -25.77
C LEU A 172 32.13 5.47 -26.18
N VAL A 173 32.98 6.32 -26.77
CA VAL A 173 34.32 5.92 -27.13
C VAL A 173 35.27 5.95 -25.92
N MET A 174 35.23 7.04 -25.16
CA MET A 174 36.09 7.18 -23.98
C MET A 174 35.96 6.00 -23.01
N GLY A 175 34.73 5.55 -22.78
CA GLY A 175 34.49 4.45 -21.88
C GLY A 175 33.93 3.21 -22.57
N LYS A 176 34.48 2.88 -23.73
CA LYS A 176 33.94 1.79 -24.53
C LYS A 176 34.01 0.43 -23.82
N ASP A 177 35.10 0.19 -23.09
CA ASP A 177 35.32 -1.12 -22.48
C ASP A 177 34.46 -1.36 -21.25
N THR A 178 33.55 -0.43 -20.97
CA THR A 178 32.66 -0.56 -19.84
C THR A 178 31.22 -0.18 -20.22
N LEU A 179 31.08 0.84 -21.07
CA LEU A 179 29.77 1.32 -21.50
C LEU A 179 29.21 0.51 -22.68
N GLN A 180 30.11 -0.04 -23.49
CA GLN A 180 29.70 -0.66 -24.75
C GLN A 180 29.75 -2.19 -24.76
N ARG A 181 30.48 -2.79 -23.82
CA ARG A 181 30.47 -4.24 -23.74
C ARG A 181 29.63 -4.71 -22.57
N ALA A 182 28.82 -5.74 -22.80
CA ALA A 182 27.95 -6.29 -21.77
C ALA A 182 28.72 -7.14 -20.78
N GLU A 183 28.30 -7.12 -19.52
CA GLU A 183 28.98 -7.85 -18.45
C GLU A 183 28.03 -8.86 -17.80
N PRO A 184 28.19 -10.16 -18.15
CA PRO A 184 27.24 -11.19 -17.70
C PRO A 184 27.27 -11.37 -16.18
N PRO A 185 26.16 -11.86 -15.62
CA PRO A 185 26.10 -12.08 -14.17
C PRO A 185 26.87 -13.33 -13.76
N LYS A 186 27.53 -13.26 -12.61
CA LYS A 186 28.09 -14.44 -12.00
C LYS A 186 26.98 -15.07 -11.18
N THR A 187 26.57 -16.29 -11.53
CA THR A 187 25.36 -16.87 -10.96
C THR A 187 25.59 -18.13 -10.12
N HIS A 188 24.66 -18.38 -9.20
CA HIS A 188 24.67 -19.59 -8.38
C HIS A 188 23.37 -19.71 -7.59
N VAL A 189 23.15 -20.88 -6.98
CA VAL A 189 21.94 -21.14 -6.22
C VAL A 189 22.27 -21.56 -4.79
N THR A 190 21.60 -20.95 -3.82
CA THR A 190 21.78 -21.32 -2.42
C THR A 190 20.51 -21.94 -1.87
N ARG A 191 20.62 -22.64 -0.75
CA ARG A 191 19.50 -23.39 -0.17
C ARG A 191 19.38 -23.13 1.33
N HIS A 192 18.19 -22.76 1.78
CA HIS A 192 18.00 -22.33 3.17
C HIS A 192 16.76 -22.95 3.81
N PRO A 193 16.99 -23.93 4.70
CA PRO A 193 15.94 -24.63 5.46
C PRO A 193 15.07 -23.68 6.30
N SER A 194 14.02 -24.23 6.90
CA SER A 194 13.10 -23.46 7.72
C SER A 194 12.27 -24.39 8.57
N SER A 195 11.07 -24.70 8.09
CA SER A 195 10.18 -25.64 8.77
C SER A 195 10.44 -27.06 8.28
N ASP A 196 9.54 -27.97 8.62
CA ASP A 196 9.60 -29.34 8.11
C ASP A 196 9.07 -29.37 6.68
N LEU A 197 8.16 -28.44 6.39
CA LEU A 197 7.47 -28.41 5.10
C LEU A 197 7.90 -27.25 4.20
N GLY A 198 9.20 -26.93 4.20
CA GLY A 198 9.69 -25.85 3.36
C GLY A 198 11.20 -25.64 3.36
N VAL A 199 11.76 -25.47 2.17
CA VAL A 199 13.15 -25.06 2.02
C VAL A 199 13.30 -23.99 0.94
N THR A 200 13.84 -22.83 1.32
CA THR A 200 13.95 -21.68 0.44
C THR A 200 15.13 -21.82 -0.52
N LEU A 201 14.85 -21.71 -1.82
CA LEU A 201 15.88 -21.81 -2.85
C LEU A 201 16.08 -20.47 -3.53
N ARG A 202 17.30 -19.95 -3.48
CA ARG A 202 17.56 -18.58 -3.91
C ARG A 202 18.58 -18.51 -5.04
N CYS A 203 18.17 -17.96 -6.18
CA CYS A 203 19.03 -17.85 -7.35
C CYS A 203 19.72 -16.50 -7.42
N TRP A 204 21.05 -16.50 -7.46
CA TRP A 204 21.83 -15.27 -7.48
C TRP A 204 22.33 -14.87 -8.86
N ALA A 205 22.35 -13.55 -9.11
CA ALA A 205 23.02 -12.99 -10.27
C ALA A 205 23.80 -11.77 -9.79
N LEU A 206 25.12 -11.79 -9.96
CA LEU A 206 25.96 -10.75 -9.38
C LEU A 206 26.90 -10.10 -10.39
N GLY A 207 27.18 -8.81 -10.15
CA GLY A 207 28.11 -8.06 -10.99
C GLY A 207 27.75 -8.01 -12.45
N PHE A 208 26.47 -7.77 -12.76
CA PHE A 208 26.07 -7.62 -14.16
C PHE A 208 25.86 -6.17 -14.61
N TYR A 209 26.16 -5.91 -15.88
CA TYR A 209 25.88 -4.64 -16.54
C TYR A 209 25.62 -4.90 -18.02
N PRO A 210 24.53 -4.36 -18.58
CA PRO A 210 23.59 -3.38 -18.01
C PRO A 210 22.63 -3.91 -16.94
N LYS A 211 21.70 -3.06 -16.55
CA LYS A 211 20.80 -3.31 -15.42
C LYS A 211 19.70 -4.30 -15.78
N GLU A 212 19.28 -4.30 -17.04
CA GLU A 212 18.19 -5.19 -17.45
C GLU A 212 18.61 -6.65 -17.36
N ILE A 213 17.85 -7.42 -16.58
CA ILE A 213 18.08 -8.84 -16.43
C ILE A 213 16.75 -9.58 -16.29
N SER A 214 16.78 -10.90 -16.48
CA SER A 214 15.58 -11.71 -16.29
C SER A 214 15.86 -12.93 -15.43
N LEU A 215 15.33 -12.93 -14.21
CA LEU A 215 15.39 -14.10 -13.34
C LEU A 215 14.02 -14.74 -13.25
N SER A 216 13.95 -16.05 -13.40
CA SER A 216 12.69 -16.77 -13.29
C SER A 216 12.90 -18.22 -12.84
N TRP A 217 12.03 -18.69 -11.95
CA TRP A 217 12.06 -20.09 -11.54
C TRP A 217 11.00 -20.89 -12.30
N GLN A 218 11.37 -22.10 -12.69
CA GLN A 218 10.43 -23.01 -13.34
C GLN A 218 10.44 -24.37 -12.66
N ARG A 219 9.26 -24.96 -12.50
CA ARG A 219 9.14 -26.30 -11.94
C ARG A 219 8.69 -27.27 -13.04
N GLU A 220 9.66 -28.04 -13.55
CA GLU A 220 9.42 -28.94 -14.68
C GLU A 220 8.81 -28.23 -15.88
N GLY A 221 9.36 -27.06 -16.21
CA GLY A 221 8.88 -26.29 -17.34
C GLY A 221 7.80 -25.28 -16.99
N GLN A 222 7.08 -25.53 -15.90
CA GLN A 222 5.99 -24.67 -15.49
C GLN A 222 6.49 -23.47 -14.69
N ASP A 223 6.04 -22.28 -15.06
CA ASP A 223 6.37 -21.05 -14.35
C ASP A 223 6.00 -21.13 -12.87
N GLN A 224 6.81 -20.48 -12.03
CA GLN A 224 6.53 -20.42 -10.59
C GLN A 224 6.57 -18.96 -10.11
N SER A 225 6.39 -18.03 -11.05
CA SER A 225 6.40 -16.60 -10.75
C SER A 225 5.34 -16.21 -9.71
N GLN A 226 4.30 -17.04 -9.62
CA GLN A 226 3.20 -16.87 -8.67
C GLN A 226 3.68 -16.72 -7.23
N ASP A 227 4.69 -17.51 -6.85
CA ASP A 227 5.18 -17.54 -5.47
C ASP A 227 6.70 -17.36 -5.38
N MET A 228 7.25 -16.58 -6.29
CA MET A 228 8.68 -16.34 -6.35
C MET A 228 9.04 -14.95 -5.82
N GLU A 229 9.73 -14.91 -4.70
CA GLU A 229 10.19 -13.62 -4.15
C GLU A 229 11.35 -13.10 -4.98
N LEU A 230 11.19 -11.89 -5.52
CA LEU A 230 12.15 -11.30 -6.44
C LEU A 230 12.57 -9.93 -5.93
N VAL A 231 13.85 -9.76 -5.61
CA VAL A 231 14.32 -8.46 -5.11
C VAL A 231 14.55 -7.43 -6.20
N GLU A 232 14.35 -6.18 -5.82
CA GLU A 232 14.65 -5.05 -6.66
C GLU A 232 16.13 -5.08 -7.00
N THR A 233 16.45 -4.90 -8.26
CA THR A 233 17.82 -4.83 -8.73
C THR A 233 18.60 -3.77 -7.95
N ARG A 234 19.81 -4.10 -7.53
CA ARG A 234 20.61 -3.21 -6.68
C ARG A 234 22.05 -3.08 -7.17
N PRO A 235 22.70 -1.93 -6.91
CA PRO A 235 24.06 -1.70 -7.39
C PRO A 235 25.11 -2.43 -6.55
N SER A 236 26.13 -2.97 -7.21
CA SER A 236 27.20 -3.65 -6.50
C SER A 236 28.06 -2.64 -5.74
N GLY A 237 28.18 -1.44 -6.31
CA GLY A 237 29.03 -0.42 -5.73
C GLY A 237 30.22 -0.13 -6.62
N ASP A 238 30.34 -0.89 -7.71
CA ASP A 238 31.46 -0.72 -8.62
C ASP A 238 31.00 -0.62 -10.07
N GLY A 239 29.81 -0.08 -10.28
CA GLY A 239 29.28 0.14 -11.62
C GLY A 239 28.47 -1.00 -12.18
N THR A 240 28.34 -2.09 -11.41
CA THR A 240 27.53 -3.23 -11.82
C THR A 240 26.36 -3.47 -10.87
N PHE A 241 25.58 -4.51 -11.14
CA PHE A 241 24.36 -4.74 -10.37
C PHE A 241 24.19 -6.15 -9.82
N GLN A 242 23.21 -6.28 -8.93
CA GLN A 242 22.86 -7.55 -8.30
C GLN A 242 21.36 -7.75 -8.37
N LYS A 243 20.93 -9.01 -8.36
CA LYS A 243 19.52 -9.36 -8.23
C LYS A 243 19.42 -10.82 -7.85
N TRP A 244 18.46 -11.15 -6.98
CA TRP A 244 18.16 -12.55 -6.70
C TRP A 244 16.68 -12.89 -6.77
N ALA A 245 16.41 -14.17 -7.00
CA ALA A 245 15.04 -14.68 -7.10
C ALA A 245 14.92 -15.98 -6.30
N ALA A 246 13.97 -16.03 -5.38
CA ALA A 246 13.82 -17.19 -4.50
C ALA A 246 12.40 -17.74 -4.50
N LEU A 247 12.23 -18.91 -3.88
CA LEU A 247 10.91 -19.54 -3.69
C LEU A 247 11.05 -20.73 -2.73
N VAL A 248 9.96 -21.10 -2.08
CA VAL A 248 10.00 -22.21 -1.13
C VAL A 248 9.52 -23.51 -1.77
N VAL A 249 10.31 -24.58 -1.61
CA VAL A 249 10.00 -25.89 -2.18
C VAL A 249 9.98 -26.96 -1.08
N PRO A 250 9.24 -28.05 -1.27
CA PRO A 250 9.26 -29.17 -0.32
C PRO A 250 10.66 -29.80 -0.26
N PRO A 251 11.12 -30.21 0.94
CA PRO A 251 12.52 -30.50 1.26
C PRO A 251 13.20 -31.62 0.45
N GLY A 252 12.59 -32.06 -0.64
CA GLY A 252 13.20 -33.09 -1.46
C GLY A 252 13.16 -32.74 -2.94
N GLU A 253 12.32 -31.78 -3.29
CA GLU A 253 12.06 -31.45 -4.68
C GLU A 253 13.13 -30.57 -5.35
N GLU A 254 14.14 -30.16 -4.59
CA GLU A 254 15.16 -29.20 -5.05
C GLU A 254 15.55 -29.30 -6.53
N GLN A 255 15.60 -30.54 -7.02
CA GLN A 255 16.00 -30.82 -8.39
C GLN A 255 14.86 -30.65 -9.40
N SER A 256 13.63 -30.52 -8.90
CA SER A 256 12.46 -30.32 -9.76
C SER A 256 12.24 -28.84 -10.07
N TYR A 257 13.09 -27.99 -9.51
CA TYR A 257 12.99 -26.55 -9.69
C TYR A 257 14.26 -26.00 -10.36
N THR A 258 14.07 -25.07 -11.30
CA THR A 258 15.19 -24.50 -12.04
C THR A 258 15.10 -22.97 -12.18
N CYS A 259 16.21 -22.29 -11.90
CA CYS A 259 16.30 -20.84 -12.12
C CYS A 259 16.66 -20.54 -13.56
N HIS A 260 16.10 -19.47 -14.13
CA HIS A 260 16.37 -19.13 -15.53
C HIS A 260 16.79 -17.69 -15.77
N VAL A 261 18.07 -17.53 -16.13
CA VAL A 261 18.72 -16.23 -16.23
C VAL A 261 18.91 -15.80 -17.67
N GLN A 262 18.37 -14.63 -18.01
CA GLN A 262 18.70 -14.03 -19.29
C GLN A 262 19.30 -12.63 -19.10
N HIS A 263 20.45 -12.42 -19.73
CA HIS A 263 21.16 -11.15 -19.68
C HIS A 263 21.97 -11.05 -20.96
N GLU A 264 22.13 -9.85 -21.50
CA GLU A 264 22.74 -9.70 -22.82
C GLU A 264 24.25 -9.94 -22.85
N GLY A 265 24.85 -10.06 -21.67
CA GLY A 265 26.24 -10.46 -21.56
C GLY A 265 26.41 -11.93 -21.81
N LEU A 266 25.42 -12.71 -21.40
CA LEU A 266 25.37 -14.15 -21.65
C LEU A 266 25.16 -14.42 -23.15
N GLN A 267 25.93 -15.36 -23.69
CA GLN A 267 25.81 -15.79 -25.08
C GLN A 267 24.49 -16.52 -25.25
N GLU A 268 24.25 -17.49 -24.38
CA GLU A 268 23.00 -18.24 -24.37
C GLU A 268 22.31 -18.05 -23.03
N PRO A 269 20.97 -18.10 -23.03
CA PRO A 269 20.22 -18.11 -21.77
C PRO A 269 20.71 -19.23 -20.86
N LEU A 270 20.59 -19.04 -19.55
CA LEU A 270 21.12 -20.01 -18.61
C LEU A 270 20.03 -20.82 -17.92
N THR A 271 20.42 -21.99 -17.42
CA THR A 271 19.56 -22.78 -16.55
C THR A 271 20.43 -23.33 -15.42
N LEU A 272 20.19 -22.85 -14.21
CA LEU A 272 20.98 -23.30 -13.07
C LEU A 272 20.12 -24.20 -12.19
N ARG A 273 20.79 -24.91 -11.30
CA ARG A 273 20.10 -25.82 -10.39
C ARG A 273 21.01 -26.05 -9.20
N TRP A 274 20.41 -26.38 -8.05
CA TRP A 274 21.18 -26.62 -6.85
C TRP A 274 22.01 -27.91 -6.96
N ASP A 275 23.14 -27.94 -6.26
CA ASP A 275 24.02 -29.11 -6.28
C ASP A 275 24.03 -29.83 -4.93
N VAL B 1 3.90 15.61 -0.72
CA VAL B 1 4.26 14.25 -1.13
C VAL B 1 5.50 13.77 -0.40
N ALA B 2 5.34 12.71 0.39
CA ALA B 2 6.45 12.12 1.12
C ALA B 2 6.50 10.61 0.87
N ARG B 3 7.70 10.05 0.76
CA ARG B 3 7.85 8.62 0.52
C ARG B 3 8.97 8.04 1.39
N PRO B 4 8.63 7.03 2.23
CA PRO B 4 9.64 6.30 3.02
C PRO B 4 10.64 5.53 2.18
N PRO B 5 11.88 5.47 2.67
CA PRO B 5 12.94 4.76 1.96
C PRO B 5 12.79 3.26 2.05
N LYS B 6 12.99 2.57 0.93
CA LYS B 6 13.18 1.14 0.95
C LYS B 6 14.67 0.92 1.27
N VAL B 7 14.95 -0.05 2.14
CA VAL B 7 16.32 -0.33 2.54
C VAL B 7 16.73 -1.75 2.17
N GLN B 8 17.86 -1.90 1.47
CA GLN B 8 18.44 -3.21 1.21
C GLN B 8 19.87 -3.26 1.74
N VAL B 9 20.16 -4.23 2.59
CA VAL B 9 21.50 -4.40 3.15
C VAL B 9 22.12 -5.71 2.67
N TYR B 10 23.36 -5.63 2.19
CA TYR B 10 24.01 -6.75 1.51
C TYR B 10 25.49 -6.47 1.31
N SER B 11 26.21 -7.47 0.80
CA SER B 11 27.63 -7.32 0.51
C SER B 11 27.84 -7.30 -1.00
N ARG B 12 28.90 -6.62 -1.47
CA ARG B 12 29.19 -6.55 -2.90
C ARG B 12 29.45 -7.94 -3.46
N HIS B 13 30.26 -8.70 -2.74
CA HIS B 13 30.59 -10.07 -3.12
C HIS B 13 30.03 -11.02 -2.07
N PRO B 14 29.85 -12.30 -2.44
CA PRO B 14 29.36 -13.28 -1.46
C PRO B 14 30.21 -13.30 -0.19
N ALA B 15 29.58 -13.13 0.97
CA ALA B 15 30.29 -13.06 2.24
C ALA B 15 31.15 -14.29 2.52
N GLU B 16 32.46 -14.09 2.59
CA GLU B 16 33.39 -15.16 2.89
C GLU B 16 34.31 -14.72 4.03
N ASN B 17 34.23 -15.40 5.17
CA ASN B 17 34.98 -15.05 6.37
C ASN B 17 36.47 -14.76 6.13
N GLY B 18 36.93 -13.61 6.61
CA GLY B 18 38.33 -13.23 6.46
C GLY B 18 38.63 -12.41 5.21
N LYS B 19 38.03 -12.81 4.09
CA LYS B 19 38.26 -12.16 2.81
C LYS B 19 37.52 -10.83 2.71
N PRO B 20 38.26 -9.72 2.61
CA PRO B 20 37.71 -8.36 2.70
C PRO B 20 36.64 -8.11 1.64
N ASN B 21 35.61 -7.36 2.01
CA ASN B 21 34.46 -7.18 1.13
C ASN B 21 33.90 -5.76 1.22
N TYR B 22 32.68 -5.56 0.71
CA TYR B 22 32.02 -4.27 0.77
C TYR B 22 30.61 -4.37 1.34
N LEU B 23 30.36 -3.65 2.41
CA LEU B 23 29.04 -3.65 3.05
C LEU B 23 28.18 -2.52 2.48
N ASN B 24 27.12 -2.89 1.79
CA ASN B 24 26.26 -1.91 1.11
C ASN B 24 24.92 -1.68 1.80
N CYS B 25 24.57 -0.41 1.98
CA CYS B 25 23.23 -0.06 2.40
C CYS B 25 22.58 0.78 1.31
N TYR B 26 21.79 0.13 0.46
CA TYR B 26 21.11 0.79 -0.66
C TYR B 26 19.76 1.34 -0.21
N VAL B 27 19.67 2.67 -0.16
CA VAL B 27 18.45 3.34 0.27
C VAL B 27 17.78 3.99 -0.94
N SER B 28 16.53 3.61 -1.21
CA SER B 28 15.83 4.07 -2.42
C SER B 28 14.33 4.33 -2.22
N GLY B 29 13.70 4.85 -3.27
CA GLY B 29 12.26 5.10 -3.25
C GLY B 29 11.79 6.12 -2.22
N PHE B 30 12.66 7.07 -1.88
CA PHE B 30 12.30 8.07 -0.87
C PHE B 30 12.17 9.51 -1.40
N HIS B 31 11.51 10.34 -0.59
CA HIS B 31 11.23 11.74 -0.92
C HIS B 31 10.67 12.43 0.32
N PRO B 32 11.18 13.61 0.69
CA PRO B 32 12.22 14.50 0.13
C PRO B 32 13.65 13.93 0.27
N PRO B 33 14.69 14.63 -0.25
CA PRO B 33 16.00 13.97 -0.32
C PRO B 33 16.80 14.00 0.97
N GLN B 34 16.41 14.83 1.93
CA GLN B 34 17.13 14.91 3.18
C GLN B 34 17.04 13.58 3.92
N ILE B 35 18.21 12.98 4.19
CA ILE B 35 18.26 11.66 4.79
C ILE B 35 19.55 11.45 5.59
N GLU B 36 19.48 10.59 6.60
CA GLU B 36 20.65 10.26 7.42
C GLU B 36 20.90 8.74 7.42
N ILE B 37 22.11 8.34 7.05
CA ILE B 37 22.45 6.91 6.98
C ILE B 37 23.71 6.56 7.75
N ASP B 38 23.60 5.59 8.66
CA ASP B 38 24.76 5.07 9.37
C ASP B 38 24.91 3.57 9.14
N LEU B 39 26.14 3.13 8.96
CA LEU B 39 26.43 1.70 9.00
C LEU B 39 26.87 1.35 10.43
N LEU B 40 26.48 0.17 10.90
CA LEU B 40 26.80 -0.23 12.27
C LEU B 40 27.58 -1.54 12.30
N LYS B 41 28.38 -1.70 13.35
CA LYS B 41 29.12 -2.94 13.59
C LYS B 41 28.98 -3.26 15.07
N ASN B 42 28.17 -4.28 15.36
CA ASN B 42 27.80 -4.64 16.74
C ASN B 42 27.08 -3.50 17.47
N GLY B 43 26.64 -2.49 16.72
CA GLY B 43 25.84 -1.41 17.28
C GLY B 43 26.48 -0.04 17.26
N GLU B 44 27.64 0.10 16.63
CA GLU B 44 28.36 1.38 16.64
C GLU B 44 28.66 1.97 15.25
N LYS B 45 28.49 3.29 15.11
CA LYS B 45 28.68 3.97 13.84
C LYS B 45 30.14 3.90 13.37
N MET B 46 30.32 3.89 12.06
CA MET B 46 31.64 3.77 11.45
C MET B 46 31.98 4.98 10.57
N ASN B 47 33.00 4.84 9.72
CA ASN B 47 33.29 5.86 8.73
C ASN B 47 33.00 5.37 7.31
N ALA B 48 31.82 5.72 6.82
CA ALA B 48 31.37 5.28 5.50
C ALA B 48 31.55 6.37 4.45
N GLU B 49 31.41 5.97 3.19
CA GLU B 49 31.26 6.92 2.10
C GLU B 49 29.93 6.61 1.40
N GLN B 50 29.61 7.36 0.35
CA GLN B 50 28.35 7.17 -0.36
C GLN B 50 28.36 7.75 -1.78
N SER B 51 27.62 7.12 -2.68
CA SER B 51 27.46 7.61 -4.05
C SER B 51 26.55 8.84 -4.09
N ASP B 52 26.51 9.53 -5.23
CA ASP B 52 25.78 10.78 -5.31
C ASP B 52 24.27 10.59 -5.44
N LEU B 53 23.53 11.49 -4.79
CA LEU B 53 22.08 11.51 -4.81
C LEU B 53 21.57 11.57 -6.24
N SER B 54 20.65 10.65 -6.56
CA SER B 54 20.03 10.60 -7.89
C SER B 54 18.56 10.30 -7.66
N PHE B 55 17.79 10.30 -8.74
CA PHE B 55 16.39 9.92 -8.63
C PHE B 55 15.92 9.05 -9.80
N SER B 56 14.88 8.25 -9.56
CA SER B 56 14.30 7.40 -10.59
C SER B 56 13.28 8.18 -11.41
N LYS B 57 12.63 7.51 -12.36
CA LYS B 57 11.63 8.15 -13.21
C LYS B 57 10.46 8.68 -12.38
N ASP B 58 10.10 7.96 -11.31
CA ASP B 58 8.99 8.37 -10.45
C ASP B 58 9.36 9.51 -9.50
N TRP B 59 10.56 10.05 -9.68
CA TRP B 59 11.11 11.19 -8.93
C TRP B 59 11.63 10.86 -7.53
N SER B 60 11.51 9.61 -7.10
CA SER B 60 12.02 9.23 -5.78
C SER B 60 13.55 9.07 -5.81
N PHE B 61 14.18 9.41 -4.68
CA PHE B 61 15.64 9.43 -4.60
C PHE B 61 16.24 8.07 -4.23
N TYR B 62 17.50 7.88 -4.61
CA TYR B 62 18.26 6.68 -4.23
C TYR B 62 19.76 6.99 -4.09
N LEU B 63 20.42 6.26 -3.19
CA LEU B 63 21.87 6.33 -3.03
C LEU B 63 22.41 5.09 -2.32
N LEU B 64 23.69 4.81 -2.54
CA LEU B 64 24.35 3.70 -1.89
C LEU B 64 25.34 4.20 -0.83
N VAL B 65 25.12 3.80 0.41
CA VAL B 65 26.08 4.04 1.48
C VAL B 65 26.86 2.73 1.66
N HIS B 66 28.18 2.84 1.69
CA HIS B 66 29.02 1.63 1.67
C HIS B 66 30.40 1.83 2.30
N THR B 67 30.86 0.81 3.01
CA THR B 67 32.22 0.82 3.55
C THR B 67 32.92 -0.52 3.33
N GLU B 68 34.24 -0.46 3.22
CA GLU B 68 35.05 -1.67 3.09
C GLU B 68 35.06 -2.36 4.44
N PHE B 69 34.75 -3.65 4.45
CA PHE B 69 34.74 -4.42 5.68
C PHE B 69 35.33 -5.81 5.49
N THR B 70 35.48 -6.53 6.60
CA THR B 70 35.98 -7.90 6.56
C THR B 70 35.04 -8.79 7.35
N PRO B 71 34.37 -9.72 6.65
CA PRO B 71 33.36 -10.59 7.27
C PRO B 71 33.98 -11.70 8.11
N ASN B 72 33.28 -12.10 9.15
CA ASN B 72 33.67 -13.24 9.96
C ASN B 72 32.42 -13.91 10.53
N ALA B 73 32.57 -14.72 11.57
CA ALA B 73 31.43 -15.37 12.19
C ALA B 73 30.98 -14.62 13.43
N VAL B 74 31.88 -13.78 13.94
CA VAL B 74 31.59 -12.98 15.14
C VAL B 74 30.77 -11.73 14.83
N ASP B 75 31.35 -10.84 14.03
CA ASP B 75 30.83 -9.48 13.87
C ASP B 75 29.46 -9.37 13.19
N GLN B 76 28.56 -8.62 13.85
CA GLN B 76 27.21 -8.37 13.37
C GLN B 76 27.08 -6.96 12.80
N TYR B 77 26.72 -6.86 11.53
CA TYR B 77 26.59 -5.57 10.86
C TYR B 77 25.14 -5.18 10.61
N SER B 78 24.91 -3.89 10.35
CA SER B 78 23.56 -3.39 10.05
C SER B 78 23.60 -2.02 9.40
N CYS B 79 22.42 -1.43 9.23
CA CYS B 79 22.29 -0.11 8.66
C CYS B 79 21.20 0.64 9.41
N ARG B 80 21.49 1.89 9.79
CA ARG B 80 20.50 2.71 10.49
C ARG B 80 20.16 3.94 9.65
N VAL B 81 18.88 4.10 9.35
CA VAL B 81 18.42 5.17 8.48
C VAL B 81 17.35 6.02 9.17
N LYS B 82 17.46 7.34 9.03
CA LYS B 82 16.39 8.22 9.48
C LYS B 82 15.96 9.15 8.33
N HIS B 83 14.66 9.44 8.31
CA HIS B 83 14.05 10.27 7.29
C HIS B 83 12.85 10.93 7.95
N VAL B 84 12.39 12.04 7.39
CA VAL B 84 11.24 12.77 7.94
C VAL B 84 10.03 11.85 8.06
N THR B 85 10.06 10.77 7.29
CA THR B 85 8.94 9.86 7.12
C THR B 85 8.92 8.76 8.20
N LEU B 86 9.92 8.77 9.09
CA LEU B 86 10.04 7.71 10.09
C LEU B 86 9.82 8.21 11.52
N ASP B 87 9.00 7.50 12.28
CA ASP B 87 8.73 7.81 13.68
C ASP B 87 10.04 7.74 14.46
N LYS B 88 10.71 6.60 14.35
CA LYS B 88 12.04 6.40 14.92
C LYS B 88 12.94 5.88 13.80
N PRO B 89 14.28 5.95 14.00
CA PRO B 89 15.17 5.40 12.98
C PRO B 89 14.88 3.94 12.65
N LYS B 90 15.04 3.58 11.38
CA LYS B 90 14.89 2.19 10.97
C LYS B 90 16.25 1.51 11.02
N ILE B 91 16.30 0.35 11.66
CA ILE B 91 17.52 -0.44 11.72
C ILE B 91 17.33 -1.75 10.96
N VAL B 92 18.18 -1.98 9.96
CA VAL B 92 18.13 -3.22 9.20
C VAL B 92 19.44 -3.99 9.32
N LYS B 93 19.38 -5.14 9.97
CA LYS B 93 20.55 -5.99 10.15
C LYS B 93 20.96 -6.63 8.84
N TRP B 94 22.28 -6.77 8.64
CA TRP B 94 22.79 -7.47 7.46
C TRP B 94 22.56 -8.98 7.55
N ASP B 95 22.11 -9.57 6.45
CA ASP B 95 21.86 -11.00 6.36
C ASP B 95 22.57 -11.52 5.11
N ARG B 96 23.60 -12.34 5.30
CA ARG B 96 24.49 -12.73 4.21
C ARG B 96 23.86 -13.70 3.20
N ASP B 97 22.70 -14.24 3.54
CA ASP B 97 21.93 -15.09 2.63
C ASP B 97 20.77 -14.30 2.05
N HIS B 98 20.22 -13.40 2.89
CA HIS B 98 19.02 -12.57 2.64
C HIS B 98 17.70 -13.25 3.04
N ALA C 1 28.25 16.58 -21.73
CA ALA C 1 28.38 18.01 -21.43
C ALA C 1 27.02 18.65 -21.19
N LEU C 2 26.98 19.65 -20.32
CA LEU C 2 25.74 20.26 -19.87
C LEU C 2 25.11 21.16 -20.94
N LEU C 3 23.78 21.18 -20.95
CA LEU C 3 23.06 22.24 -21.65
C LEU C 3 23.26 23.54 -20.89
N ARG C 4 23.62 24.60 -21.60
CA ARG C 4 23.78 25.92 -21.00
C ARG C 4 22.55 26.76 -21.31
N SER C 5 21.55 26.68 -20.44
CA SER C 5 20.36 27.52 -20.57
C SER C 5 19.94 28.09 -19.23
N ALA C 6 20.21 29.36 -19.04
CA ALA C 6 19.72 30.07 -17.88
C ALA C 6 18.28 30.47 -18.18
N THR C 7 17.33 29.70 -17.66
CA THR C 7 15.94 30.09 -17.82
C THR C 7 15.18 30.05 -16.50
N TYR C 8 14.38 31.10 -16.29
CA TYR C 8 13.61 31.26 -15.08
C TYR C 8 12.24 30.62 -15.20
N TYR C 9 11.77 30.00 -14.12
CA TYR C 9 10.43 29.41 -14.10
C TYR C 9 9.39 30.51 -13.89
N GLY D 1 -18.68 4.62 24.26
CA GLY D 1 -19.93 4.84 24.96
C GLY D 1 -20.41 3.65 25.80
N PRO D 2 -21.67 3.25 25.60
CA PRO D 2 -22.29 2.22 26.43
C PRO D 2 -21.88 0.81 26.00
N HIS D 3 -21.58 -0.03 26.98
CA HIS D 3 -21.08 -1.37 26.68
C HIS D 3 -22.18 -2.33 26.24
N SER D 4 -21.83 -3.28 25.37
CA SER D 4 -22.82 -4.25 24.89
C SER D 4 -22.20 -5.62 24.69
N LEU D 5 -23.05 -6.63 24.85
CA LEU D 5 -22.74 -8.00 24.44
C LEU D 5 -23.83 -8.37 23.43
N SER D 6 -23.44 -8.96 22.30
CA SER D 6 -24.46 -9.38 21.33
C SER D 6 -24.03 -10.57 20.50
N TYR D 7 -25.02 -11.27 19.95
CA TYR D 7 -24.76 -12.38 19.06
C TYR D 7 -25.50 -12.18 17.75
N SER D 8 -24.87 -12.58 16.65
CA SER D 8 -25.53 -12.58 15.36
C SER D 8 -25.55 -13.98 14.80
N TYR D 9 -26.74 -14.44 14.42
CA TYR D 9 -26.91 -15.76 13.80
C TYR D 9 -27.26 -15.59 12.33
N THR D 10 -26.77 -16.49 11.50
CA THR D 10 -27.17 -16.54 10.09
C THR D 10 -27.41 -18.01 9.72
N ALA D 11 -28.61 -18.30 9.24
CA ALA D 11 -28.92 -19.63 8.73
C ALA D 11 -29.18 -19.53 7.23
N VAL D 12 -28.46 -20.30 6.43
CA VAL D 12 -28.64 -20.28 4.98
C VAL D 12 -28.93 -21.69 4.44
N SER D 13 -30.12 -21.90 3.89
CA SER D 13 -30.44 -23.18 3.25
C SER D 13 -29.66 -23.32 1.94
N ARG D 14 -29.13 -24.50 1.68
CA ARG D 14 -28.35 -24.73 0.46
C ARG D 14 -28.95 -25.85 -0.38
N PRO D 15 -30.03 -25.55 -1.10
CA PRO D 15 -30.93 -26.51 -1.76
C PRO D 15 -30.21 -27.44 -2.73
N ASP D 16 -29.15 -26.94 -3.37
CA ASP D 16 -28.27 -27.73 -4.19
C ASP D 16 -27.92 -29.05 -3.49
N ARG D 17 -27.39 -28.92 -2.28
CA ARG D 17 -27.11 -30.05 -1.40
C ARG D 17 -28.34 -30.29 -0.52
N GLY D 18 -28.22 -31.12 0.52
CA GLY D 18 -29.37 -31.39 1.34
C GLY D 18 -29.34 -30.66 2.67
N ASP D 19 -28.44 -29.69 2.78
CA ASP D 19 -28.08 -29.10 4.07
C ASP D 19 -28.37 -27.61 4.22
N SER D 20 -27.77 -27.04 5.24
CA SER D 20 -27.84 -25.61 5.48
C SER D 20 -26.54 -25.24 6.16
N ARG D 21 -26.21 -23.95 6.17
CA ARG D 21 -25.03 -23.48 6.87
C ARG D 21 -25.46 -22.54 7.99
N PHE D 22 -24.77 -22.64 9.13
CA PHE D 22 -25.11 -21.82 10.27
C PHE D 22 -23.88 -21.14 10.83
N PHE D 23 -23.97 -19.81 10.97
CA PHE D 23 -22.91 -18.99 11.51
C PHE D 23 -23.37 -18.32 12.80
N ILE D 24 -22.47 -18.25 13.77
CA ILE D 24 -22.67 -17.42 14.95
C ILE D 24 -21.44 -16.55 15.14
N VAL D 25 -21.65 -15.25 15.38
CA VAL D 25 -20.54 -14.40 15.80
C VAL D 25 -20.94 -13.65 17.06
N GLY D 26 -20.03 -13.62 18.05
CA GLY D 26 -20.27 -12.91 19.29
C GLY D 26 -19.48 -11.62 19.37
N TYR D 27 -20.11 -10.57 19.90
CA TYR D 27 -19.48 -9.26 19.97
C TYR D 27 -19.52 -8.68 21.39
N VAL D 28 -18.39 -8.12 21.83
CA VAL D 28 -18.38 -7.24 22.99
C VAL D 28 -17.95 -5.84 22.49
N ASP D 29 -18.81 -4.85 22.65
CA ASP D 29 -18.60 -3.50 22.12
C ASP D 29 -18.13 -3.49 20.66
N ASP D 30 -18.91 -4.11 19.78
CA ASP D 30 -18.58 -4.20 18.35
C ASP D 30 -17.24 -4.88 18.02
N THR D 31 -16.67 -5.58 18.99
CA THR D 31 -15.47 -6.38 18.73
C THR D 31 -15.81 -7.87 18.76
N GLN D 32 -15.59 -8.55 17.63
CA GLN D 32 -15.79 -9.99 17.50
C GLN D 32 -14.97 -10.70 18.58
N PHE D 33 -15.57 -11.62 19.32
CA PHE D 33 -14.79 -12.40 20.30
C PHE D 33 -14.97 -13.90 20.17
N VAL D 34 -16.12 -14.34 19.64
CA VAL D 34 -16.32 -15.76 19.37
C VAL D 34 -16.95 -16.01 18.01
N ARG D 35 -16.70 -17.20 17.46
CA ARG D 35 -17.15 -17.56 16.13
C ARG D 35 -17.54 -19.04 16.05
N PHE D 36 -18.67 -19.32 15.41
CA PHE D 36 -19.06 -20.69 15.08
C PHE D 36 -19.49 -20.77 13.62
N ASP D 37 -18.98 -21.76 12.90
CA ASP D 37 -19.41 -22.00 11.52
C ASP D 37 -19.66 -23.49 11.31
N SER D 38 -20.91 -23.84 11.01
CA SER D 38 -21.33 -25.25 10.93
C SER D 38 -20.60 -26.06 9.86
N ASP D 39 -20.03 -25.38 8.87
CA ASP D 39 -19.34 -26.06 7.78
C ASP D 39 -17.94 -26.56 8.16
N ALA D 40 -17.33 -25.94 9.16
CA ALA D 40 -15.99 -26.33 9.62
C ALA D 40 -15.98 -27.80 10.04
N PRO D 41 -14.88 -28.51 9.76
CA PRO D 41 -14.77 -29.92 10.17
C PRO D 41 -14.74 -30.02 11.67
N ASN D 42 -15.58 -30.86 12.25
CA ASN D 42 -15.74 -30.92 13.69
C ASN D 42 -15.94 -29.51 14.24
N ALA D 43 -16.97 -28.83 13.72
CA ALA D 43 -17.23 -27.44 14.07
C ALA D 43 -17.41 -27.25 15.58
N LYS D 44 -16.70 -26.27 16.13
CA LYS D 44 -16.86 -25.91 17.53
C LYS D 44 -16.90 -24.38 17.65
N MET D 45 -17.35 -23.89 18.80
CA MET D 45 -17.29 -22.45 19.04
C MET D 45 -15.83 -22.06 19.16
N GLU D 46 -15.41 -21.08 18.38
CA GLU D 46 -14.02 -20.68 18.29
C GLU D 46 -13.78 -19.26 18.83
N PRO D 47 -12.61 -19.04 19.44
CA PRO D 47 -12.26 -17.71 19.95
C PRO D 47 -11.77 -16.82 18.81
N ARG D 48 -12.20 -15.56 18.81
CA ARG D 48 -11.81 -14.60 17.79
C ARG D 48 -11.04 -13.43 18.40
N ALA D 49 -10.94 -13.43 19.73
CA ALA D 49 -10.13 -12.44 20.43
C ALA D 49 -9.28 -13.16 21.47
N GLN D 50 -8.15 -12.58 21.82
CA GLN D 50 -7.16 -13.25 22.66
C GLN D 50 -7.62 -13.40 24.12
N TRP D 51 -8.41 -12.42 24.59
CA TRP D 51 -8.85 -12.38 25.98
C TRP D 51 -9.90 -13.41 26.39
N ILE D 52 -10.63 -13.96 25.42
CA ILE D 52 -11.68 -14.93 25.73
C ILE D 52 -11.06 -16.32 25.96
N GLN D 53 -9.78 -16.47 25.58
CA GLN D 53 -9.13 -17.78 25.63
C GLN D 53 -8.97 -18.33 27.05
N GLN D 54 -8.99 -17.44 28.04
CA GLN D 54 -8.80 -17.88 29.42
C GLN D 54 -10.00 -18.60 30.03
N GLU D 55 -11.13 -18.61 29.33
CA GLU D 55 -12.27 -19.41 29.78
C GLU D 55 -11.92 -20.89 29.72
N GLY D 56 -12.38 -21.65 30.71
CA GLY D 56 -12.07 -23.07 30.80
C GLY D 56 -12.89 -23.90 29.83
N GLN D 57 -12.63 -25.21 29.83
CA GLN D 57 -13.24 -26.11 28.85
C GLN D 57 -14.76 -26.25 29.05
N GLU D 58 -15.20 -26.03 30.28
CA GLU D 58 -16.63 -26.03 30.60
C GLU D 58 -17.38 -25.00 29.76
N TYR D 59 -16.79 -23.83 29.61
CA TYR D 59 -17.38 -22.74 28.85
C TYR D 59 -17.47 -23.09 27.36
N TRP D 60 -16.34 -23.51 26.79
CA TRP D 60 -16.27 -23.84 25.38
C TRP D 60 -17.17 -25.01 25.01
N ASP D 61 -17.27 -25.99 25.92
CA ASP D 61 -18.17 -27.11 25.71
C ASP D 61 -19.63 -26.69 25.70
N ARG D 62 -20.03 -25.80 26.61
CA ARG D 62 -21.40 -25.29 26.62
C ARG D 62 -21.72 -24.51 25.34
N GLU D 63 -20.86 -23.55 25.01
CA GLU D 63 -21.09 -22.71 23.82
C GLU D 63 -21.12 -23.53 22.53
N THR D 64 -20.19 -24.48 22.40
CA THR D 64 -20.15 -25.38 21.24
C THR D 64 -21.45 -26.20 21.13
N GLN D 65 -21.87 -26.78 22.24
CA GLN D 65 -23.07 -27.62 22.24
C GLN D 65 -24.32 -26.81 21.87
N ILE D 66 -24.45 -25.61 22.46
CA ILE D 66 -25.57 -24.73 22.16
C ILE D 66 -25.55 -24.31 20.69
N SER D 67 -24.37 -24.04 20.15
CA SER D 67 -24.24 -23.68 18.74
C SER D 67 -24.80 -24.77 17.82
N LYS D 68 -24.43 -26.02 18.10
CA LYS D 68 -24.85 -27.17 17.30
C LYS D 68 -26.36 -27.46 17.42
N GLU D 69 -26.89 -27.33 18.63
CA GLU D 69 -28.34 -27.47 18.83
C GLU D 69 -29.09 -26.36 18.10
N THR D 70 -28.61 -25.13 18.25
CA THR D 70 -29.26 -24.00 17.61
C THR D 70 -29.23 -24.18 16.09
N ALA D 71 -28.12 -24.71 15.57
CA ALA D 71 -28.01 -24.97 14.15
C ALA D 71 -29.03 -26.01 13.69
N GLN D 72 -29.29 -27.02 14.51
CA GLN D 72 -30.26 -28.06 14.15
C GLN D 72 -31.66 -27.47 14.02
N ASN D 73 -32.06 -26.63 14.98
CA ASN D 73 -33.36 -25.97 14.93
C ASN D 73 -33.53 -25.09 13.70
N TYR D 74 -32.48 -24.37 13.32
CA TYR D 74 -32.55 -23.49 12.17
C TYR D 74 -32.70 -24.22 10.84
N ARG D 75 -32.13 -25.43 10.76
CA ARG D 75 -32.28 -26.25 9.57
C ARG D 75 -33.76 -26.53 9.30
N VAL D 76 -34.53 -26.82 10.37
CA VAL D 76 -35.96 -27.02 10.20
C VAL D 76 -36.74 -25.69 10.11
N ASP D 77 -36.29 -24.65 10.81
CA ASP D 77 -36.94 -23.33 10.75
C ASP D 77 -36.92 -22.76 9.33
N LEU D 78 -35.84 -23.01 8.60
CA LEU D 78 -35.76 -22.61 7.20
C LEU D 78 -36.88 -23.27 6.42
N ASN D 79 -37.02 -24.58 6.63
CA ASN D 79 -38.05 -25.35 5.93
C ASN D 79 -39.43 -24.82 6.28
N THR D 80 -39.62 -24.48 7.56
CA THR D 80 -40.89 -23.96 8.06
C THR D 80 -41.27 -22.62 7.40
N LEU D 81 -40.33 -21.69 7.34
CA LEU D 81 -40.64 -20.37 6.76
C LEU D 81 -40.98 -20.49 5.27
N ARG D 82 -40.23 -21.34 4.58
CA ARG D 82 -40.47 -21.68 3.18
C ARG D 82 -41.95 -21.95 2.93
N GLY D 83 -42.55 -22.77 3.79
CA GLY D 83 -43.95 -23.14 3.67
C GLY D 83 -44.91 -22.01 4.00
N TYR D 84 -44.58 -21.22 5.02
CA TYR D 84 -45.37 -20.05 5.38
C TYR D 84 -45.59 -19.17 4.16
N TYR D 85 -44.51 -18.91 3.43
CA TYR D 85 -44.56 -18.06 2.24
C TYR D 85 -44.87 -18.87 0.99
N ASN D 86 -45.03 -20.18 1.17
CA ASN D 86 -45.30 -21.11 0.08
C ASN D 86 -44.26 -21.02 -1.03
N GLN D 87 -42.98 -20.99 -0.64
CA GLN D 87 -41.90 -20.88 -1.61
C GLN D 87 -41.43 -22.25 -2.10
N SER D 88 -40.89 -22.27 -3.31
CA SER D 88 -40.33 -23.48 -3.88
C SER D 88 -39.09 -23.90 -3.10
N GLU D 89 -38.69 -25.17 -3.25
CA GLU D 89 -37.50 -25.67 -2.59
C GLU D 89 -36.23 -25.37 -3.39
N ALA D 90 -36.40 -24.75 -4.55
CA ALA D 90 -35.29 -24.41 -5.43
C ALA D 90 -34.43 -23.27 -4.89
N GLY D 91 -35.06 -22.27 -4.29
CA GLY D 91 -34.32 -21.11 -3.87
C GLY D 91 -33.57 -21.21 -2.55
N SER D 92 -32.37 -20.63 -2.53
CA SER D 92 -31.61 -20.49 -1.29
C SER D 92 -32.21 -19.38 -0.45
N ARG D 93 -32.44 -19.66 0.83
CA ARG D 93 -33.08 -18.70 1.72
C ARG D 93 -32.21 -18.44 2.94
N THR D 94 -32.40 -17.29 3.58
CA THR D 94 -31.62 -16.99 4.77
C THR D 94 -32.45 -16.44 5.94
N ILE D 95 -32.19 -16.96 7.14
CA ILE D 95 -32.78 -16.42 8.36
C ILE D 95 -31.67 -15.77 9.15
N GLN D 96 -31.90 -14.56 9.64
CA GLN D 96 -30.89 -13.91 10.48
C GLN D 96 -31.53 -13.49 11.79
N ARG D 97 -30.71 -13.40 12.82
CA ARG D 97 -31.20 -13.00 14.12
C ARG D 97 -30.08 -12.28 14.85
N VAL D 98 -30.42 -11.14 15.46
CA VAL D 98 -29.51 -10.52 16.41
C VAL D 98 -30.21 -10.43 17.76
N TYR D 99 -29.43 -10.53 18.83
CA TYR D 99 -29.91 -10.21 20.16
C TYR D 99 -28.76 -9.72 21.01
N GLY D 100 -29.06 -8.95 22.05
CA GLY D 100 -27.99 -8.44 22.88
C GLY D 100 -28.46 -7.58 24.03
N CYS D 101 -27.52 -7.19 24.87
CA CYS D 101 -27.83 -6.34 26.00
C CYS D 101 -26.84 -5.17 26.10
N TYR D 102 -27.37 -4.02 26.53
CA TYR D 102 -26.56 -2.85 26.83
C TYR D 102 -26.45 -2.66 28.33
N LEU D 103 -25.24 -2.36 28.81
CA LEU D 103 -25.01 -2.20 30.23
C LEU D 103 -25.37 -0.79 30.69
N GLY D 104 -26.22 -0.70 31.70
CA GLY D 104 -26.59 0.59 32.27
C GLY D 104 -25.59 1.06 33.31
N PRO D 105 -25.73 2.32 33.76
CA PRO D 105 -24.78 2.90 34.71
C PRO D 105 -24.90 2.28 36.09
N ASP D 106 -26.01 1.60 36.35
CA ASP D 106 -26.25 0.99 37.66
C ASP D 106 -25.84 -0.47 37.73
N GLY D 107 -25.24 -0.98 36.65
CA GLY D 107 -24.86 -2.38 36.60
C GLY D 107 -26.01 -3.27 36.18
N LEU D 108 -27.09 -2.67 35.71
CA LEU D 108 -28.27 -3.41 35.28
C LEU D 108 -28.52 -3.19 33.80
N LEU D 109 -29.49 -3.94 33.26
CA LEU D 109 -29.83 -3.84 31.85
C LEU D 109 -30.29 -2.44 31.45
N LEU D 110 -29.53 -1.80 30.57
CA LEU D 110 -29.92 -0.52 30.01
C LEU D 110 -31.00 -0.77 28.99
N ARG D 111 -30.75 -1.74 28.12
CA ARG D 111 -31.62 -2.02 27.01
C ARG D 111 -31.25 -3.38 26.43
N GLY D 112 -32.23 -4.27 26.29
CA GLY D 112 -31.99 -5.56 25.68
C GLY D 112 -32.86 -5.62 24.44
N TYR D 113 -32.46 -6.43 23.47
CA TYR D 113 -33.17 -6.52 22.21
C TYR D 113 -33.00 -7.88 21.56
N ARG D 114 -33.95 -8.22 20.70
CA ARG D 114 -33.81 -9.36 19.80
C ARG D 114 -34.73 -9.14 18.59
N GLN D 115 -34.16 -9.27 17.39
CA GLN D 115 -34.96 -9.21 16.16
C GLN D 115 -34.47 -10.21 15.14
N ASP D 116 -35.39 -10.63 14.25
CA ASP D 116 -35.08 -11.66 13.26
C ASP D 116 -35.44 -11.14 11.86
N ALA D 117 -34.67 -11.56 10.87
CA ALA D 117 -34.95 -11.20 9.48
C ALA D 117 -35.04 -12.46 8.62
N TYR D 118 -35.81 -12.38 7.53
CA TYR D 118 -35.91 -13.47 6.57
C TYR D 118 -35.76 -12.90 5.17
N ASP D 119 -34.81 -13.46 4.42
CA ASP D 119 -34.45 -12.96 3.10
C ASP D 119 -34.15 -11.47 3.06
N GLY D 120 -33.51 -10.98 4.12
CA GLY D 120 -33.04 -9.61 4.17
C GLY D 120 -34.05 -8.59 4.68
N ALA D 121 -35.24 -9.06 5.04
CA ALA D 121 -36.28 -8.16 5.53
C ALA D 121 -36.69 -8.53 6.93
N ASP D 122 -36.95 -7.53 7.78
CA ASP D 122 -37.44 -7.76 9.13
C ASP D 122 -38.57 -8.81 9.12
N TYR D 123 -38.51 -9.76 10.05
CA TYR D 123 -39.53 -10.80 10.12
C TYR D 123 -40.30 -10.65 11.41
N ILE D 124 -39.57 -10.69 12.53
CA ILE D 124 -40.19 -10.57 13.84
C ILE D 124 -39.20 -9.90 14.79
N ALA D 125 -39.73 -9.27 15.85
CA ALA D 125 -38.87 -8.58 16.81
C ALA D 125 -39.47 -8.63 18.20
N LEU D 126 -38.60 -8.67 19.21
CA LEU D 126 -39.04 -8.61 20.61
C LEU D 126 -39.25 -7.15 20.96
N ASN D 127 -40.43 -6.82 21.47
CA ASN D 127 -40.70 -5.44 21.87
C ASN D 127 -39.89 -5.01 23.10
N GLU D 128 -39.83 -3.70 23.34
CA GLU D 128 -39.02 -3.16 24.44
C GLU D 128 -39.45 -3.62 25.82
N ASP D 129 -40.73 -3.91 26.00
CA ASP D 129 -41.19 -4.43 27.28
C ASP D 129 -40.59 -5.82 27.56
N LEU D 130 -40.08 -6.46 26.50
CA LEU D 130 -39.49 -7.81 26.56
C LEU D 130 -40.53 -8.85 26.94
N ARG D 131 -41.79 -8.57 26.63
CA ARG D 131 -42.91 -9.43 27.02
C ARG D 131 -43.87 -9.67 25.85
N SER D 132 -43.53 -9.12 24.68
CA SER D 132 -44.42 -9.20 23.53
C SER D 132 -43.65 -9.06 22.22
N TRP D 133 -44.29 -9.44 21.11
CA TRP D 133 -43.61 -9.51 19.82
C TRP D 133 -44.32 -8.66 18.77
N THR D 134 -43.53 -8.15 17.82
CA THR D 134 -44.06 -7.47 16.66
C THR D 134 -43.73 -8.28 15.42
N ALA D 135 -44.76 -8.73 14.71
CA ALA D 135 -44.56 -9.46 13.45
C ALA D 135 -44.56 -8.49 12.27
N ALA D 136 -43.78 -8.79 11.24
CA ALA D 136 -43.69 -7.86 10.11
C ALA D 136 -44.68 -8.19 8.99
N ASP D 137 -45.22 -9.40 9.01
CA ASP D 137 -46.19 -9.83 8.00
C ASP D 137 -47.03 -11.00 8.47
N MET D 138 -47.89 -11.52 7.60
CA MET D 138 -48.77 -12.62 7.96
C MET D 138 -47.98 -13.85 8.37
N ALA D 139 -46.90 -14.12 7.66
CA ALA D 139 -46.07 -15.27 7.97
C ALA D 139 -45.60 -15.19 9.41
N ALA D 140 -45.04 -14.04 9.77
CA ALA D 140 -44.44 -13.87 11.08
C ALA D 140 -45.48 -13.86 12.20
N GLN D 141 -46.74 -13.57 11.87
CA GLN D 141 -47.85 -13.68 12.83
C GLN D 141 -48.00 -15.12 13.31
N ILE D 142 -47.71 -16.07 12.43
CA ILE D 142 -47.78 -17.49 12.81
C ILE D 142 -46.71 -17.81 13.85
N THR D 143 -45.48 -17.37 13.56
CA THR D 143 -44.36 -17.54 14.49
C THR D 143 -44.65 -16.81 15.81
N LYS D 144 -45.27 -15.64 15.71
CA LYS D 144 -45.60 -14.85 16.89
C LYS D 144 -46.56 -15.58 17.83
N ARG D 145 -47.62 -16.17 17.29
CA ARG D 145 -48.59 -16.88 18.13
C ARG D 145 -47.97 -18.10 18.81
N LYS D 146 -47.13 -18.82 18.08
CA LYS D 146 -46.38 -19.95 18.65
C LYS D 146 -45.56 -19.49 19.85
N TRP D 147 -44.87 -18.36 19.69
CA TRP D 147 -43.98 -17.86 20.73
C TRP D 147 -44.75 -17.34 21.93
N GLU D 148 -45.96 -16.83 21.70
CA GLU D 148 -46.83 -16.41 22.79
C GLU D 148 -47.34 -17.64 23.56
N VAL D 149 -47.76 -18.66 22.83
CA VAL D 149 -48.29 -19.90 23.41
C VAL D 149 -47.31 -20.60 24.38
N VAL D 150 -46.03 -20.63 24.02
CA VAL D 150 -45.00 -21.23 24.89
C VAL D 150 -44.27 -20.19 25.73
N ASN D 151 -44.74 -18.94 25.66
CA ASN D 151 -44.11 -17.81 26.35
C ASN D 151 -42.60 -17.73 26.12
N GLU D 152 -42.21 -17.70 24.85
CA GLU D 152 -40.82 -17.58 24.48
C GLU D 152 -40.17 -16.32 25.09
N ALA D 153 -40.95 -15.25 25.17
CA ALA D 153 -40.44 -13.94 25.62
C ALA D 153 -39.86 -13.97 27.02
N GLU D 154 -40.37 -14.86 27.86
CA GLU D 154 -39.92 -14.91 29.25
C GLU D 154 -38.50 -15.44 29.36
N GLY D 155 -38.12 -16.39 28.50
CA GLY D 155 -36.75 -16.88 28.47
C GLY D 155 -35.77 -15.84 27.96
N GLU D 156 -36.23 -15.00 27.02
CA GLU D 156 -35.41 -13.92 26.50
C GLU D 156 -35.19 -12.84 27.56
N ARG D 157 -36.26 -12.48 28.26
CA ARG D 157 -36.22 -11.41 29.26
C ARG D 157 -35.27 -11.73 30.42
N SER D 158 -35.40 -12.94 30.96
CA SER D 158 -34.56 -13.34 32.07
C SER D 158 -33.09 -13.40 31.64
N TYR D 159 -32.86 -13.85 30.41
CA TYR D 159 -31.49 -13.86 29.86
C TYR D 159 -30.94 -12.44 29.76
N LEU D 160 -31.70 -11.56 29.12
CA LEU D 160 -31.26 -10.18 28.85
C LEU D 160 -31.09 -9.37 30.14
N GLN D 161 -31.99 -9.57 31.08
CA GLN D 161 -31.94 -8.84 32.35
C GLN D 161 -30.96 -9.44 33.34
N GLY D 162 -30.63 -10.71 33.17
CA GLY D 162 -29.74 -11.37 34.11
C GLY D 162 -28.41 -11.81 33.54
N ARG D 163 -28.39 -13.03 33.02
CA ARG D 163 -27.20 -13.68 32.48
C ARG D 163 -26.38 -12.81 31.51
N CYS D 164 -27.06 -12.22 30.52
CA CYS D 164 -26.39 -11.43 29.48
C CYS D 164 -25.55 -10.30 30.10
N VAL D 165 -26.14 -9.61 31.07
CA VAL D 165 -25.46 -8.51 31.74
C VAL D 165 -24.29 -9.00 32.61
N GLU D 166 -24.50 -10.10 33.33
CA GLU D 166 -23.46 -10.70 34.16
C GLU D 166 -22.25 -11.07 33.31
N TRP D 167 -22.51 -11.72 32.17
CA TRP D 167 -21.44 -12.12 31.27
C TRP D 167 -20.75 -10.92 30.66
N LEU D 168 -21.53 -9.90 30.31
CA LEU D 168 -20.96 -8.69 29.75
C LEU D 168 -19.97 -8.05 30.72
N GLN D 169 -20.37 -7.89 31.98
CA GLN D 169 -19.50 -7.32 33.00
C GLN D 169 -18.26 -8.17 33.20
N LYS D 170 -18.40 -9.49 33.05
CA LYS D 170 -17.25 -10.37 33.19
C LYS D 170 -16.29 -10.22 32.00
N TYR D 171 -16.84 -10.19 30.80
CA TYR D 171 -16.05 -9.99 29.58
C TYR D 171 -15.27 -8.66 29.60
N LEU D 172 -15.91 -7.57 30.06
CA LEU D 172 -15.26 -6.25 30.09
C LEU D 172 -14.00 -6.24 30.95
N VAL D 173 -14.04 -6.95 32.07
CA VAL D 173 -12.88 -7.10 32.93
C VAL D 173 -11.83 -7.98 32.28
N MET D 174 -12.27 -9.08 31.67
CA MET D 174 -11.39 -10.03 31.01
C MET D 174 -10.59 -9.41 29.87
N GLY D 175 -11.25 -8.57 29.06
CA GLY D 175 -10.61 -8.00 27.89
C GLY D 175 -10.28 -6.52 28.05
N LYS D 176 -10.07 -6.10 29.30
CA LYS D 176 -9.95 -4.68 29.63
C LYS D 176 -8.78 -3.97 28.95
N ASP D 177 -7.72 -4.72 28.64
CA ASP D 177 -6.50 -4.13 28.07
C ASP D 177 -6.61 -3.72 26.59
N THR D 178 -7.76 -3.98 25.96
CA THR D 178 -7.84 -3.79 24.51
C THR D 178 -9.22 -3.41 23.91
N LEU D 179 -10.31 -3.64 24.65
CA LEU D 179 -11.65 -3.34 24.13
C LEU D 179 -11.86 -1.86 23.78
N GLN D 180 -11.54 -0.99 24.74
CA GLN D 180 -11.70 0.46 24.54
C GLN D 180 -10.39 1.13 24.09
N ARG D 181 -9.42 0.33 23.70
CA ARG D 181 -8.16 0.85 23.16
C ARG D 181 -8.47 1.70 21.92
N ALA D 182 -8.01 2.95 21.93
CA ALA D 182 -8.29 3.88 20.84
C ALA D 182 -7.05 4.21 20.02
N GLU D 183 -7.22 4.34 18.71
CA GLU D 183 -6.11 4.54 17.79
C GLU D 183 -6.39 5.70 16.83
N PRO D 184 -5.63 6.81 16.97
CA PRO D 184 -5.89 8.02 16.18
C PRO D 184 -5.45 7.86 14.73
N PRO D 185 -6.12 8.57 13.80
CA PRO D 185 -5.80 8.52 12.37
C PRO D 185 -4.51 9.24 12.02
N LYS D 186 -3.67 8.61 11.21
CA LYS D 186 -2.57 9.31 10.56
C LYS D 186 -3.18 10.05 9.38
N THR D 187 -2.85 11.34 9.28
CA THR D 187 -3.62 12.24 8.43
C THR D 187 -2.77 13.08 7.46
N HIS D 188 -3.20 13.13 6.20
CA HIS D 188 -2.55 13.99 5.20
C HIS D 188 -3.50 14.41 4.07
N VAL D 189 -3.16 15.50 3.40
CA VAL D 189 -3.92 15.99 2.25
C VAL D 189 -3.10 15.85 0.96
N THR D 190 -3.69 15.24 -0.06
CA THR D 190 -3.04 15.16 -1.38
C THR D 190 -3.71 16.12 -2.35
N ARG D 191 -2.94 16.55 -3.35
CA ARG D 191 -3.45 17.47 -4.37
C ARG D 191 -3.38 16.80 -5.74
N HIS D 192 -4.45 16.91 -6.51
CA HIS D 192 -4.49 16.30 -7.85
C HIS D 192 -5.10 17.22 -8.90
N PRO D 193 -4.28 17.66 -9.86
CA PRO D 193 -4.79 18.41 -11.02
C PRO D 193 -5.68 17.53 -11.89
N SER D 194 -6.97 17.86 -12.01
CA SER D 194 -7.83 17.16 -12.97
C SER D 194 -7.81 17.90 -14.32
N SER D 195 -8.93 18.53 -14.66
CA SER D 195 -9.01 19.30 -15.91
C SER D 195 -8.18 20.58 -15.80
N ASP D 196 -8.79 21.65 -15.34
CA ASP D 196 -8.08 22.91 -15.11
C ASP D 196 -8.34 23.45 -13.69
N LEU D 197 -9.62 23.47 -13.27
CA LEU D 197 -9.96 23.73 -11.87
C LEU D 197 -9.74 22.47 -11.10
N GLY D 198 -9.90 21.34 -11.79
CA GLY D 198 -9.94 20.05 -11.13
C GLY D 198 -8.90 19.71 -10.10
N VAL D 199 -8.13 20.70 -9.61
CA VAL D 199 -7.33 20.44 -8.41
C VAL D 199 -8.26 19.86 -7.36
N THR D 200 -8.18 18.56 -7.22
CA THR D 200 -8.92 17.84 -6.22
C THR D 200 -8.04 17.77 -4.99
N LEU D 201 -8.57 18.23 -3.86
CA LEU D 201 -7.91 18.05 -2.58
C LEU D 201 -8.54 16.84 -1.93
N ARG D 202 -7.72 15.85 -1.60
CA ARG D 202 -8.21 14.64 -0.93
C ARG D 202 -7.58 14.51 0.46
N CYS D 203 -8.44 14.56 1.47
CA CYS D 203 -8.01 14.44 2.86
C CYS D 203 -8.08 12.99 3.30
N TRP D 204 -6.93 12.42 3.68
CA TRP D 204 -6.86 11.01 4.06
C TRP D 204 -6.79 10.81 5.57
N ALA D 205 -7.60 9.88 6.06
CA ALA D 205 -7.51 9.43 7.44
C ALA D 205 -7.21 7.94 7.43
N LEU D 206 -6.04 7.56 7.94
CA LEU D 206 -5.59 6.17 7.88
C LEU D 206 -5.26 5.60 9.26
N GLY D 207 -5.43 4.30 9.42
CA GLY D 207 -4.95 3.61 10.61
C GLY D 207 -5.70 3.90 11.91
N PHE D 208 -6.97 4.25 11.82
CA PHE D 208 -7.73 4.62 13.02
C PHE D 208 -8.66 3.54 13.58
N TYR D 209 -8.81 3.55 14.90
CA TYR D 209 -9.76 2.69 15.59
C TYR D 209 -10.29 3.45 16.81
N PRO D 210 -11.62 3.49 16.99
CA PRO D 210 -12.68 2.81 16.25
C PRO D 210 -13.06 3.40 14.89
N LYS D 211 -14.10 2.79 14.31
CA LYS D 211 -14.62 3.09 12.98
C LYS D 211 -15.17 4.51 12.82
N GLU D 212 -15.73 5.05 13.91
CA GLU D 212 -16.39 6.35 13.88
C GLU D 212 -15.42 7.51 13.71
N ILE D 213 -15.58 8.30 12.64
CA ILE D 213 -14.85 9.57 12.46
C ILE D 213 -15.70 10.62 11.75
N SER D 214 -15.21 11.86 11.79
CA SER D 214 -15.80 12.88 10.94
C SER D 214 -14.72 13.49 10.05
N LEU D 215 -15.01 13.56 8.76
CA LEU D 215 -14.20 14.31 7.80
C LEU D 215 -15.10 15.32 7.14
N SER D 216 -14.69 16.59 7.15
CA SER D 216 -15.45 17.64 6.50
C SER D 216 -14.54 18.71 5.90
N TRP D 217 -14.82 19.08 4.67
CA TRP D 217 -14.11 20.17 4.03
C TRP D 217 -14.81 21.48 4.30
N GLN D 218 -14.03 22.49 4.69
CA GLN D 218 -14.55 23.83 4.92
C GLN D 218 -13.77 24.85 4.10
N ARG D 219 -14.46 25.89 3.67
CA ARG D 219 -13.80 27.02 3.07
C ARG D 219 -14.01 28.22 3.98
N GLU D 220 -12.97 28.57 4.73
CA GLU D 220 -13.02 29.69 5.68
C GLU D 220 -14.29 29.73 6.53
N GLY D 221 -14.47 28.72 7.38
CA GLY D 221 -15.66 28.60 8.20
C GLY D 221 -16.85 27.99 7.48
N GLN D 222 -16.97 28.24 6.18
CA GLN D 222 -18.12 27.80 5.40
C GLN D 222 -18.07 26.32 5.01
N ASP D 223 -18.98 25.53 5.58
CA ASP D 223 -19.01 24.07 5.37
C ASP D 223 -19.40 23.66 3.95
N GLN D 224 -18.56 22.84 3.32
CA GLN D 224 -18.75 22.45 1.92
C GLN D 224 -19.19 20.99 1.77
N SER D 225 -19.86 20.45 2.77
CA SER D 225 -20.28 19.04 2.76
C SER D 225 -21.25 18.65 1.63
N GLN D 226 -21.75 19.63 0.88
CA GLN D 226 -22.71 19.36 -0.19
C GLN D 226 -22.05 18.82 -1.46
N ASP D 227 -20.89 19.39 -1.79
CA ASP D 227 -20.17 19.00 -3.00
C ASP D 227 -18.88 18.24 -2.67
N MET D 228 -18.86 17.63 -1.49
CA MET D 228 -17.69 16.90 -1.02
C MET D 228 -17.84 15.43 -1.36
N GLU D 229 -16.81 14.79 -1.91
CA GLU D 229 -16.91 13.35 -2.09
C GLU D 229 -16.32 12.60 -0.91
N LEU D 230 -17.16 11.76 -0.30
CA LEU D 230 -16.80 10.96 0.85
C LEU D 230 -16.96 9.50 0.46
N VAL D 231 -15.95 8.67 0.72
CA VAL D 231 -16.12 7.22 0.60
C VAL D 231 -16.56 6.64 1.93
N GLU D 232 -17.25 5.52 1.88
CA GLU D 232 -17.65 4.83 3.09
C GLU D 232 -16.38 4.37 3.82
N THR D 233 -16.39 4.48 5.14
CA THR D 233 -15.28 4.01 5.97
C THR D 233 -15.04 2.52 5.68
N ARG D 234 -13.77 2.14 5.60
CA ARG D 234 -13.41 0.80 5.14
C ARG D 234 -12.25 0.23 5.95
N PRO D 235 -12.27 -1.10 6.17
CA PRO D 235 -11.20 -1.75 6.95
C PRO D 235 -9.87 -1.75 6.19
N SER D 236 -8.77 -1.62 6.92
CA SER D 236 -7.44 -1.64 6.30
C SER D 236 -6.89 -3.07 6.19
N GLY D 237 -7.42 -3.97 7.01
CA GLY D 237 -6.97 -5.35 7.01
C GLY D 237 -6.22 -5.75 8.27
N ASP D 238 -5.81 -4.77 9.06
CA ASP D 238 -5.01 -5.03 10.26
C ASP D 238 -5.77 -4.65 11.53
N GLY D 239 -7.11 -4.65 11.44
CA GLY D 239 -7.95 -4.28 12.56
C GLY D 239 -8.30 -2.79 12.56
N THR D 240 -7.61 -2.04 11.70
CA THR D 240 -7.70 -0.59 11.70
C THR D 240 -8.50 -0.08 10.48
N PHE D 241 -8.82 1.22 10.44
CA PHE D 241 -9.69 1.75 9.38
C PHE D 241 -9.14 2.90 8.52
N GLN D 242 -9.81 3.14 7.39
CA GLN D 242 -9.46 4.19 6.43
C GLN D 242 -10.69 4.97 6.03
N LYS D 243 -10.48 6.24 5.65
CA LYS D 243 -11.52 7.04 5.02
C LYS D 243 -10.86 8.22 4.33
N TRP D 244 -11.46 8.70 3.24
CA TRP D 244 -11.02 9.97 2.68
C TRP D 244 -12.17 10.85 2.23
N ALA D 245 -11.91 12.16 2.21
CA ALA D 245 -12.87 13.16 1.78
C ALA D 245 -12.23 14.06 0.73
N ALA D 246 -12.89 14.20 -0.42
CA ALA D 246 -12.34 15.02 -1.50
C ALA D 246 -13.29 16.13 -1.92
N LEU D 247 -12.73 17.18 -2.52
CA LEU D 247 -13.52 18.21 -3.18
C LEU D 247 -12.70 18.94 -4.25
N VAL D 248 -13.39 19.44 -5.27
CA VAL D 248 -12.74 20.17 -6.35
C VAL D 248 -12.77 21.66 -5.97
N VAL D 249 -11.62 22.32 -6.09
CA VAL D 249 -11.49 23.74 -5.75
C VAL D 249 -10.85 24.46 -6.94
N PRO D 250 -10.94 25.80 -6.99
CA PRO D 250 -10.28 26.47 -8.12
C PRO D 250 -8.76 26.52 -7.95
N PRO D 251 -8.02 26.63 -9.06
CA PRO D 251 -6.55 26.73 -9.01
C PRO D 251 -6.13 27.98 -8.24
N GLY D 252 -5.17 27.85 -7.34
CA GLY D 252 -4.65 29.00 -6.61
C GLY D 252 -5.43 29.33 -5.36
N GLU D 253 -6.48 28.56 -5.11
CA GLU D 253 -7.32 28.81 -3.94
C GLU D 253 -7.19 27.70 -2.91
N GLU D 254 -6.21 26.82 -3.08
CA GLU D 254 -5.99 25.67 -2.19
C GLU D 254 -5.91 26.02 -0.70
N GLN D 255 -5.33 27.17 -0.37
CA GLN D 255 -5.09 27.54 1.02
C GLN D 255 -6.36 27.97 1.76
N SER D 256 -7.39 28.33 0.99
CA SER D 256 -8.67 28.73 1.57
C SER D 256 -9.46 27.54 2.13
N TYR D 257 -9.02 26.32 1.79
CA TYR D 257 -9.75 25.12 2.18
C TYR D 257 -9.06 24.34 3.29
N THR D 258 -9.82 23.92 4.29
CA THR D 258 -9.30 23.09 5.38
C THR D 258 -10.08 21.80 5.51
N CYS D 259 -9.37 20.71 5.79
CA CYS D 259 -10.03 19.44 6.11
C CYS D 259 -10.16 19.35 7.63
N HIS D 260 -11.33 18.93 8.11
CA HIS D 260 -11.56 18.81 9.54
C HIS D 260 -11.79 17.38 9.97
N VAL D 261 -10.95 16.90 10.89
CA VAL D 261 -11.00 15.52 11.33
C VAL D 261 -11.30 15.45 12.81
N GLN D 262 -12.35 14.72 13.18
CA GLN D 262 -12.55 14.36 14.58
C GLN D 262 -12.64 12.84 14.75
N HIS D 263 -12.10 12.38 15.87
CA HIS D 263 -12.03 10.96 16.19
C HIS D 263 -11.70 10.86 17.67
N GLU D 264 -12.28 9.88 18.35
CA GLU D 264 -12.16 9.77 19.80
C GLU D 264 -10.72 9.58 20.28
N GLY D 265 -9.86 9.07 19.41
CA GLY D 265 -8.46 8.87 19.74
C GLY D 265 -7.63 10.14 19.61
N LEU D 266 -8.28 11.22 19.15
CA LEU D 266 -7.62 12.52 19.04
C LEU D 266 -7.83 13.36 20.30
N GLN D 267 -6.73 13.87 20.84
CA GLN D 267 -6.80 14.81 21.95
C GLN D 267 -7.57 16.04 21.49
N GLU D 268 -7.07 16.68 20.44
CA GLU D 268 -7.72 17.83 19.83
C GLU D 268 -8.17 17.49 18.40
N PRO D 269 -9.29 18.07 17.95
CA PRO D 269 -9.69 17.90 16.56
C PRO D 269 -8.65 18.52 15.61
N LEU D 270 -8.60 18.03 14.38
CA LEU D 270 -7.56 18.45 13.44
C LEU D 270 -8.04 19.42 12.37
N THR D 271 -7.21 20.40 12.07
CA THR D 271 -7.42 21.28 10.94
C THR D 271 -6.23 21.10 10.01
N LEU D 272 -6.46 20.52 8.84
CA LEU D 272 -5.37 20.26 7.90
C LEU D 272 -5.51 21.10 6.65
N ARG D 273 -4.37 21.45 6.07
CA ARG D 273 -4.33 22.14 4.79
C ARG D 273 -3.33 21.43 3.91
N TRP D 274 -3.40 21.65 2.60
CA TRP D 274 -2.38 21.14 1.69
C TRP D 274 -1.08 21.94 1.81
N ASP D 275 0.03 21.26 2.05
CA ASP D 275 1.34 21.94 2.11
C ASP D 275 1.95 22.01 0.73
N VAL E 1 -35.94 -9.20 -0.66
CA VAL E 1 -35.16 -7.97 -0.81
C VAL E 1 -33.68 -8.29 -0.99
N ALA E 2 -33.25 -8.36 -2.25
CA ALA E 2 -31.83 -8.58 -2.55
C ALA E 2 -31.12 -7.23 -2.65
N ARG E 3 -29.79 -7.23 -2.54
CA ARG E 3 -29.01 -5.99 -2.62
C ARG E 3 -27.63 -6.26 -3.24
N PRO E 4 -27.22 -5.44 -4.24
CA PRO E 4 -25.90 -5.49 -4.85
C PRO E 4 -24.79 -5.01 -3.95
N PRO E 5 -23.63 -5.63 -4.13
CA PRO E 5 -22.42 -5.26 -3.39
C PRO E 5 -22.05 -3.82 -3.70
N LYS E 6 -21.61 -3.10 -2.68
CA LYS E 6 -20.79 -1.92 -2.90
C LYS E 6 -19.38 -2.45 -2.89
N VAL E 7 -18.54 -1.96 -3.81
CA VAL E 7 -17.18 -2.46 -3.94
C VAL E 7 -16.17 -1.33 -3.78
N GLN E 8 -15.14 -1.56 -2.97
CA GLN E 8 -14.04 -0.60 -2.88
C GLN E 8 -12.68 -1.31 -3.02
N VAL E 9 -11.84 -0.77 -3.90
CA VAL E 9 -10.50 -1.31 -4.10
C VAL E 9 -9.47 -0.25 -3.71
N TYR E 10 -8.50 -0.67 -2.91
CA TYR E 10 -7.57 0.27 -2.30
C TYR E 10 -6.47 -0.52 -1.62
N SER E 11 -5.41 0.17 -1.22
CA SER E 11 -4.30 -0.47 -0.53
C SER E 11 -4.35 -0.18 0.96
N ARG E 12 -3.77 -1.05 1.77
CA ARG E 12 -3.75 -0.82 3.21
C ARG E 12 -3.02 0.47 3.55
N HIS E 13 -1.89 0.70 2.90
CA HIS E 13 -1.09 1.90 3.11
C HIS E 13 -1.05 2.69 1.80
N PRO E 14 -0.71 3.98 1.86
CA PRO E 14 -0.53 4.70 0.58
C PRO E 14 0.53 4.01 -0.26
N ALA E 15 0.16 3.67 -1.50
CA ALA E 15 1.01 2.84 -2.34
C ALA E 15 2.29 3.52 -2.80
N GLU E 16 3.41 2.84 -2.60
CA GLU E 16 4.69 3.30 -3.12
C GLU E 16 5.40 2.17 -3.86
N ASN E 17 5.81 2.46 -5.09
CA ASN E 17 6.39 1.45 -5.96
C ASN E 17 7.58 0.72 -5.32
N GLY E 18 7.53 -0.62 -5.34
CA GLY E 18 8.62 -1.41 -4.80
C GLY E 18 8.52 -1.75 -3.33
N LYS E 19 7.46 -1.29 -2.67
CA LYS E 19 7.26 -1.59 -1.25
C LYS E 19 6.04 -2.47 -1.06
N PRO E 20 6.23 -3.64 -0.44
CA PRO E 20 5.07 -4.51 -0.20
C PRO E 20 4.01 -3.78 0.62
N ASN E 21 2.76 -4.21 0.42
CA ASN E 21 1.61 -3.50 0.93
C ASN E 21 0.51 -4.54 0.98
N TYR E 22 -0.73 -4.09 1.02
CA TYR E 22 -1.84 -5.01 0.87
C TYR E 22 -2.85 -4.45 -0.11
N LEU E 23 -3.34 -5.29 -1.00
CA LEU E 23 -4.39 -4.90 -1.92
C LEU E 23 -5.70 -5.41 -1.35
N ASN E 24 -6.61 -4.48 -1.03
CA ASN E 24 -7.90 -4.82 -0.45
C ASN E 24 -9.04 -4.70 -1.45
N CYS E 25 -9.97 -5.65 -1.38
CA CYS E 25 -11.27 -5.45 -2.03
C CYS E 25 -12.34 -5.63 -0.96
N TYR E 26 -12.95 -4.51 -0.58
CA TYR E 26 -13.98 -4.48 0.46
C TYR E 26 -15.36 -4.56 -0.17
N VAL E 27 -16.07 -5.65 0.12
CA VAL E 27 -17.40 -5.86 -0.43
C VAL E 27 -18.44 -5.81 0.68
N SER E 28 -19.45 -4.96 0.54
CA SER E 28 -20.42 -4.72 1.62
C SER E 28 -21.83 -4.37 1.12
N GLY E 29 -22.79 -4.37 2.03
CA GLY E 29 -24.16 -3.97 1.70
C GLY E 29 -24.92 -4.94 0.82
N PHE E 30 -24.47 -6.20 0.74
CA PHE E 30 -25.09 -7.17 -0.15
C PHE E 30 -25.91 -8.26 0.57
N HIS E 31 -26.94 -8.73 -0.12
CA HIS E 31 -27.81 -9.79 0.37
C HIS E 31 -28.38 -10.49 -0.86
N PRO E 32 -28.36 -11.84 -0.90
CA PRO E 32 -27.89 -12.90 0.01
C PRO E 32 -26.36 -12.92 0.15
N PRO E 33 -25.81 -13.76 1.06
CA PRO E 33 -24.37 -13.73 1.34
C PRO E 33 -23.48 -14.50 0.37
N GLN E 34 -24.05 -15.36 -0.47
CA GLN E 34 -23.26 -16.08 -1.46
C GLN E 34 -22.64 -15.08 -2.42
N ILE E 35 -21.31 -15.06 -2.48
CA ILE E 35 -20.63 -14.10 -3.35
C ILE E 35 -19.24 -14.58 -3.77
N GLU E 36 -18.81 -14.16 -4.96
CA GLU E 36 -17.51 -14.56 -5.49
C GLU E 36 -16.64 -13.33 -5.71
N ILE E 37 -15.43 -13.34 -5.15
CA ILE E 37 -14.53 -12.20 -5.25
C ILE E 37 -13.14 -12.62 -5.67
N ASP E 38 -12.65 -12.05 -6.77
CA ASP E 38 -11.30 -12.33 -7.22
C ASP E 38 -10.49 -11.04 -7.32
N LEU E 39 -9.19 -11.14 -7.05
CA LEU E 39 -8.28 -10.03 -7.28
C LEU E 39 -7.51 -10.29 -8.56
N LEU E 40 -7.34 -9.24 -9.36
CA LEU E 40 -6.73 -9.39 -10.68
C LEU E 40 -5.43 -8.60 -10.84
N LYS E 41 -4.36 -9.31 -11.18
CA LYS E 41 -3.10 -8.65 -11.53
C LYS E 41 -2.99 -8.66 -13.05
N ASN E 42 -3.21 -7.50 -13.67
CA ASN E 42 -3.26 -7.38 -15.13
C ASN E 42 -4.30 -8.29 -15.76
N GLY E 43 -5.32 -8.65 -14.99
CA GLY E 43 -6.41 -9.49 -15.48
C GLY E 43 -6.34 -10.95 -15.06
N GLU E 44 -5.51 -11.28 -14.08
CA GLU E 44 -5.33 -12.67 -13.65
C GLU E 44 -5.60 -12.91 -12.16
N LYS E 45 -6.38 -13.95 -11.86
CA LYS E 45 -6.70 -14.32 -10.47
C LYS E 45 -5.42 -14.67 -9.70
N MET E 46 -5.49 -14.71 -8.37
CA MET E 46 -4.27 -14.83 -7.55
C MET E 46 -4.27 -15.92 -6.47
N ASN E 47 -4.33 -15.50 -5.21
CA ASN E 47 -4.30 -16.41 -4.05
C ASN E 47 -4.81 -15.67 -2.81
N ALA E 48 -5.91 -14.96 -2.98
CA ALA E 48 -6.41 -14.01 -1.99
C ALA E 48 -7.08 -14.68 -0.80
N GLU E 49 -6.78 -14.20 0.40
CA GLU E 49 -7.55 -14.61 1.57
C GLU E 49 -8.56 -13.53 2.00
N GLN E 50 -9.52 -13.90 2.85
CA GLN E 50 -10.63 -13.01 3.18
C GLN E 50 -11.04 -13.06 4.64
N SER E 51 -11.79 -12.05 5.07
CA SER E 51 -12.33 -12.00 6.42
C SER E 51 -13.48 -12.99 6.55
N ASP E 52 -13.93 -13.21 7.78
CA ASP E 52 -15.07 -14.09 7.99
C ASP E 52 -16.37 -13.33 7.74
N LEU E 53 -17.41 -14.06 7.32
CA LEU E 53 -18.68 -13.43 6.97
C LEU E 53 -19.35 -12.74 8.15
N SER E 54 -19.80 -11.50 7.94
CA SER E 54 -20.58 -10.80 8.94
C SER E 54 -21.60 -9.87 8.29
N PHE E 55 -22.58 -9.43 9.08
CA PHE E 55 -23.60 -8.53 8.55
C PHE E 55 -23.82 -7.31 9.45
N SER E 56 -24.45 -6.30 8.87
CA SER E 56 -24.68 -5.03 9.52
C SER E 56 -26.09 -4.94 10.09
N LYS E 57 -26.41 -3.78 10.67
CA LYS E 57 -27.70 -3.53 11.30
C LYS E 57 -28.83 -3.67 10.30
N ASP E 58 -28.57 -3.29 9.05
CA ASP E 58 -29.60 -3.38 8.01
C ASP E 58 -29.68 -4.77 7.40
N TRP E 59 -29.05 -5.73 8.08
CA TRP E 59 -29.02 -7.15 7.71
C TRP E 59 -28.07 -7.50 6.57
N SER E 60 -27.49 -6.48 5.93
CA SER E 60 -26.69 -6.70 4.74
C SER E 60 -25.30 -7.21 5.11
N PHE E 61 -24.69 -7.97 4.22
CA PHE E 61 -23.43 -8.64 4.51
C PHE E 61 -22.21 -7.85 4.07
N TYR E 62 -21.07 -8.18 4.67
CA TYR E 62 -19.80 -7.57 4.29
C TYR E 62 -18.62 -8.48 4.62
N LEU E 63 -17.57 -8.36 3.81
CA LEU E 63 -16.30 -9.02 4.12
C LEU E 63 -15.18 -8.37 3.33
N LEU E 64 -13.95 -8.60 3.77
CA LEU E 64 -12.79 -8.01 3.11
C LEU E 64 -11.96 -9.10 2.46
N VAL E 65 -11.60 -8.88 1.21
CA VAL E 65 -10.68 -9.78 0.52
C VAL E 65 -9.37 -9.02 0.35
N HIS E 66 -8.25 -9.66 0.68
CA HIS E 66 -6.95 -8.99 0.67
C HIS E 66 -5.81 -9.91 0.23
N THR E 67 -4.71 -9.31 -0.21
CA THR E 67 -3.49 -10.05 -0.52
C THR E 67 -2.25 -9.16 -0.46
N GLU E 68 -1.15 -9.72 0.02
CA GLU E 68 0.15 -9.04 -0.02
C GLU E 68 0.55 -8.81 -1.48
N PHE E 69 1.07 -7.63 -1.77
CA PHE E 69 1.50 -7.31 -3.12
C PHE E 69 2.47 -6.13 -3.13
N THR E 70 3.33 -6.09 -4.13
CA THR E 70 4.30 -5.01 -4.24
C THR E 70 4.02 -4.21 -5.51
N PRO E 71 3.35 -3.05 -5.37
CA PRO E 71 2.90 -2.25 -6.50
C PRO E 71 4.04 -1.67 -7.33
N ASN E 72 3.84 -1.62 -8.64
CA ASN E 72 4.81 -1.06 -9.56
C ASN E 72 4.18 0.13 -10.28
N ALA E 73 4.80 0.60 -11.35
CA ALA E 73 4.17 1.60 -12.21
C ALA E 73 3.50 0.86 -13.36
N VAL E 74 4.02 -0.32 -13.66
CA VAL E 74 3.53 -1.14 -14.77
C VAL E 74 2.20 -1.83 -14.46
N ASP E 75 2.08 -2.37 -13.26
CA ASP E 75 1.00 -3.30 -12.95
C ASP E 75 -0.41 -2.69 -12.75
N GLN E 76 -1.41 -3.44 -13.20
CA GLN E 76 -2.81 -3.04 -13.08
C GLN E 76 -3.51 -4.00 -12.14
N TYR E 77 -4.23 -3.46 -11.17
CA TYR E 77 -4.98 -4.30 -10.26
C TYR E 77 -6.46 -3.97 -10.27
N SER E 78 -7.29 -4.97 -10.00
CA SER E 78 -8.73 -4.76 -9.94
C SER E 78 -9.41 -5.84 -9.11
N CYS E 79 -10.68 -5.63 -8.85
CA CYS E 79 -11.48 -6.59 -8.12
C CYS E 79 -12.65 -7.04 -8.97
N ARG E 80 -12.81 -8.36 -9.11
CA ARG E 80 -13.91 -8.94 -9.89
C ARG E 80 -14.92 -9.58 -8.95
N VAL E 81 -16.17 -9.13 -9.04
CA VAL E 81 -17.20 -9.59 -8.12
C VAL E 81 -18.39 -10.21 -8.87
N LYS E 82 -18.82 -11.39 -8.41
CA LYS E 82 -20.05 -11.99 -8.91
C LYS E 82 -21.05 -12.18 -7.76
N HIS E 83 -22.25 -11.67 -7.96
CA HIS E 83 -23.34 -11.80 -7.00
C HIS E 83 -24.63 -11.98 -7.79
N VAL E 84 -25.60 -12.66 -7.19
CA VAL E 84 -26.86 -12.97 -7.86
C VAL E 84 -27.57 -11.72 -8.41
N THR E 85 -27.29 -10.57 -7.83
CA THR E 85 -27.97 -9.33 -8.20
C THR E 85 -27.30 -8.61 -9.38
N LEU E 86 -26.09 -9.04 -9.74
CA LEU E 86 -25.38 -8.43 -10.85
C LEU E 86 -25.67 -9.21 -12.13
N ASP E 87 -25.79 -8.51 -13.25
CA ASP E 87 -26.15 -9.17 -14.51
C ASP E 87 -24.90 -9.81 -15.14
N LYS E 88 -23.74 -9.26 -14.81
CA LYS E 88 -22.46 -9.83 -15.22
C LYS E 88 -21.42 -9.51 -14.13
N PRO E 89 -20.25 -10.15 -14.19
CA PRO E 89 -19.20 -9.81 -13.22
C PRO E 89 -18.89 -8.31 -13.18
N LYS E 90 -18.77 -7.75 -11.99
CA LYS E 90 -18.46 -6.34 -11.81
C LYS E 90 -16.96 -6.20 -11.58
N ILE E 91 -16.29 -5.44 -12.44
CA ILE E 91 -14.86 -5.18 -12.28
C ILE E 91 -14.62 -3.74 -11.84
N VAL E 92 -13.88 -3.57 -10.75
CA VAL E 92 -13.51 -2.24 -10.27
C VAL E 92 -11.99 -2.13 -10.26
N LYS E 93 -11.45 -1.16 -11.01
CA LYS E 93 -10.01 -0.99 -11.10
C LYS E 93 -9.45 -0.36 -9.83
N TRP E 94 -8.18 -0.65 -9.53
CA TRP E 94 -7.50 0.02 -8.44
C TRP E 94 -6.89 1.34 -8.91
N ASP E 95 -7.19 2.40 -8.17
CA ASP E 95 -6.55 3.69 -8.36
C ASP E 95 -5.82 4.01 -7.05
N ARG E 96 -4.50 4.09 -7.12
CA ARG E 96 -3.68 4.33 -5.92
C ARG E 96 -3.96 5.69 -5.31
N ASP E 97 -4.59 6.57 -6.09
CA ASP E 97 -5.00 7.89 -5.59
C ASP E 97 -6.46 7.88 -5.18
N HIS E 98 -7.27 7.19 -5.99
CA HIS E 98 -8.75 7.07 -5.92
C HIS E 98 -9.54 8.06 -6.78
N ALA F 1 -21.99 -15.02 26.76
CA ALA F 1 -22.42 -16.42 26.71
C ALA F 1 -23.78 -16.55 26.02
N LEU F 2 -23.89 -17.54 25.15
CA LEU F 2 -25.10 -17.74 24.35
C LEU F 2 -26.34 -17.97 25.20
N LEU F 3 -27.49 -17.59 24.65
CA LEU F 3 -28.79 -17.97 25.20
C LEU F 3 -29.18 -19.36 24.68
N ARG F 4 -29.48 -20.28 25.60
CA ARG F 4 -30.03 -21.58 25.19
C ARG F 4 -31.53 -21.50 25.08
N SER F 5 -32.03 -21.06 23.93
CA SER F 5 -33.46 -21.05 23.69
C SER F 5 -33.79 -21.86 22.43
N ALA F 6 -34.40 -23.02 22.64
CA ALA F 6 -34.77 -23.87 21.52
C ALA F 6 -36.25 -23.77 21.20
N THR F 7 -36.64 -22.71 20.51
CA THR F 7 -37.99 -22.61 19.98
C THR F 7 -37.95 -22.72 18.46
N TYR F 8 -39.08 -23.10 17.88
CA TYR F 8 -39.18 -23.17 16.43
C TYR F 8 -39.97 -21.99 15.91
N TYR F 9 -39.69 -21.62 14.67
CA TYR F 9 -40.42 -20.54 14.00
C TYR F 9 -41.77 -21.07 13.56
#